data_2GX5
#
_entry.id   2GX5
#
_cell.length_a   90.207
_cell.length_b   90.207
_cell.length_c   205.634
_cell.angle_alpha   90.00
_cell.angle_beta   90.00
_cell.angle_gamma   90.00
#
_symmetry.space_group_name_H-M   'P 43 2 2'
#
loop_
_entity.id
_entity.type
_entity.pdbx_description
1 polymer 'GTP-sensing transcriptional pleiotropic repressor codY'
2 non-polymer 'SULFATE ION'
3 non-polymer 'TRIETHYLENE GLYCOL'
4 non-polymer GLYCEROL
5 non-polymer 'TETRAETHYLENE GLYCOL'
6 non-polymer 'HEXAETHYLENE GLYCOL'
7 non-polymer 'CYCLIC GUANOSINE MONOPHOSPHATE'
8 water water
#
_entity_poly.entity_id   1
_entity_poly.type   'polypeptide(L)'
_entity_poly.pdbx_seq_one_letter_code
;MGSSHHHHHHMALLQKTRIINSMLQAAAGKPVNFKEMAETLRDVIDSNIFVVSRRGKLLGYSINQQIENDRMKKMLEDRQ
FPEEYTKNLFNVPETSSNLDINSEYTAFPVENRDLFQAGLTTIVPIIGGGERLGTLILSRLQDQFNDDDLILAEYGATVV
GMEILREKAE
;
_entity_poly.pdbx_strand_id   A,B,C,D
#
# COMPACT_ATOMS: atom_id res chain seq x y z
N HIS A 10 9.36 35.53 -5.39
N HIS A 10 10.77 34.85 -3.00
CA HIS A 10 9.20 34.58 -4.27
CA HIS A 10 9.53 34.48 -3.76
C HIS A 10 9.72 33.22 -4.71
C HIS A 10 9.76 33.24 -4.65
N MET A 11 10.91 33.20 -5.30
CA MET A 11 11.38 32.02 -6.05
C MET A 11 11.61 30.78 -5.18
N ALA A 12 12.23 30.96 -4.02
CA ALA A 12 12.44 29.85 -3.09
C ALA A 12 11.10 29.26 -2.62
N LEU A 13 10.14 30.13 -2.31
CA LEU A 13 8.81 29.65 -1.93
C LEU A 13 8.16 28.88 -3.07
N LEU A 14 8.26 29.39 -4.30
CA LEU A 14 7.65 28.73 -5.47
C LEU A 14 8.21 27.32 -5.67
N GLN A 15 9.52 27.20 -5.52
CA GLN A 15 10.19 25.90 -5.62
CA GLN A 15 10.19 25.90 -5.62
C GLN A 15 9.69 24.94 -4.54
N LYS A 16 9.57 25.44 -3.31
CA LYS A 16 9.12 24.61 -2.19
C LYS A 16 7.66 24.17 -2.33
N THR A 17 6.80 25.07 -2.80
CA THR A 17 5.41 24.68 -3.06
C THR A 17 5.33 23.63 -4.16
N ARG A 18 6.21 23.72 -5.15
CA ARG A 18 6.29 22.70 -6.21
C ARG A 18 6.58 21.30 -5.68
N ILE A 19 7.46 21.22 -4.68
CA ILE A 19 7.81 19.94 -4.06
C ILE A 19 6.63 19.36 -3.29
N ILE A 20 5.95 20.19 -2.51
CA ILE A 20 4.77 19.73 -1.78
C ILE A 20 3.67 19.33 -2.76
N ASN A 21 3.42 20.19 -3.74
N ASN A 21 3.51 20.03 -3.87
CA ASN A 21 2.32 20.07 -4.69
CA ASN A 21 2.67 19.52 -4.95
C ASN A 21 2.47 18.80 -5.51
C ASN A 21 3.04 18.07 -5.36
N SER A 22 3.70 18.47 -5.89
N SER A 22 4.33 17.81 -5.52
CA SER A 22 3.97 17.24 -6.63
CA SER A 22 4.79 16.49 -6.00
C SER A 22 3.49 16.02 -5.83
C SER A 22 4.50 15.36 -5.00
N MET A 23 3.41 16.15 -4.50
N MET A 23 4.50 15.68 -3.72
CA MET A 23 2.95 15.03 -3.66
CA MET A 23 4.23 14.70 -2.67
C MET A 23 1.46 14.80 -3.92
C MET A 23 2.76 14.28 -2.75
N LEU A 24 0.74 15.87 -4.25
N LEU A 24 1.92 15.21 -3.14
CA LEU A 24 -0.69 15.79 -4.56
CA LEU A 24 0.47 14.98 -3.22
C LEU A 24 -0.91 15.27 -5.98
C LEU A 24 0.14 13.95 -4.30
N GLN A 25 -0.20 15.86 -6.93
N GLN A 25 1.01 13.80 -5.28
CA GLN A 25 -0.39 15.52 -8.34
CA GLN A 25 0.75 12.86 -6.38
C GLN A 25 0.31 14.22 -8.69
C GLN A 25 1.74 11.70 -6.39
N ALA A 26 0.90 13.59 -7.68
N ALA A 26 2.74 11.77 -5.53
CA ALA A 26 1.81 12.46 -7.89
CA ALA A 26 3.54 10.59 -5.25
C ALA A 26 1.11 11.13 -8.17
C ALA A 26 2.58 9.58 -4.65
N ALA A 27 1.84 10.28 -8.90
N ALA A 27 1.41 10.07 -4.27
CA ALA A 27 1.43 8.91 -9.21
CA ALA A 27 0.39 9.24 -3.63
C ALA A 27 0.15 8.44 -8.52
C ALA A 27 -0.07 8.13 -4.57
N ALA A 28 0.19 8.32 -7.20
N ALA A 28 -0.52 8.51 -5.75
CA ALA A 28 -0.89 7.66 -6.46
CA ALA A 28 -1.01 7.57 -6.75
C ALA A 28 -0.65 6.15 -6.42
C ALA A 28 -0.66 6.11 -6.43
N GLY A 29 0.62 5.76 -6.58
CA GLY A 29 1.03 4.35 -6.55
C GLY A 29 1.30 3.77 -5.18
N LYS A 30 2.44 4.15 -4.60
CA LYS A 30 2.92 3.62 -3.31
C LYS A 30 1.83 3.66 -2.23
N PRO A 31 1.81 2.67 -1.32
CA PRO A 31 0.97 2.81 -0.11
C PRO A 31 1.34 4.04 0.71
N VAL A 32 0.40 4.53 1.51
CA VAL A 32 0.63 5.73 2.33
C VAL A 32 1.81 5.52 3.30
N ASN A 33 2.67 6.52 3.41
CA ASN A 33 3.85 6.46 4.27
C ASN A 33 4.05 7.79 5.01
N PHE A 34 3.63 7.85 6.26
CA PHE A 34 3.67 9.09 7.05
C PHE A 34 5.08 9.52 7.43
N LYS A 35 5.97 8.56 7.65
CA LYS A 35 7.37 8.88 7.98
C LYS A 35 8.00 9.62 6.81
N GLU A 36 7.77 9.11 5.61
CA GLU A 36 8.25 9.73 4.36
C GLU A 36 7.71 11.15 4.18
N MET A 37 6.41 11.34 4.38
CA MET A 37 5.81 12.68 4.29
CA MET A 37 5.84 12.69 4.26
C MET A 37 6.44 13.62 5.30
N ALA A 38 6.67 13.12 6.51
CA ALA A 38 7.28 13.92 7.58
C ALA A 38 8.70 14.35 7.20
N GLU A 39 9.46 13.43 6.62
CA GLU A 39 10.82 13.72 6.14
C GLU A 39 10.84 14.77 5.03
N THR A 40 9.89 14.64 4.09
CA THR A 40 9.74 15.65 3.05
C THR A 40 9.43 17.03 3.62
N LEU A 41 8.44 17.10 4.51
CA LEU A 41 8.07 18.39 5.10
C LEU A 41 9.19 18.97 5.96
N ARG A 42 9.89 18.10 6.68
CA ARG A 42 11.07 18.49 7.47
C ARG A 42 12.08 19.27 6.62
N ASP A 43 12.41 18.71 5.46
CA ASP A 43 13.39 19.34 4.57
C ASP A 43 12.85 20.59 3.88
N VAL A 44 11.59 20.54 3.44
CA VAL A 44 11.02 21.66 2.71
C VAL A 44 10.79 22.86 3.63
N ILE A 45 10.19 22.62 4.79
CA ILE A 45 9.87 23.70 5.73
C ILE A 45 11.07 24.06 6.62
N ASP A 46 11.97 23.09 6.83
CA ASP A 46 13.13 23.23 7.71
C ASP A 46 12.63 23.38 9.14
N SER A 47 12.17 22.26 9.67
CA SER A 47 11.50 22.21 10.95
C SER A 47 11.40 20.75 11.36
N ASN A 48 11.29 20.50 12.65
CA ASN A 48 10.82 19.21 13.13
C ASN A 48 9.36 19.07 12.75
N ILE A 49 8.94 17.85 12.42
CA ILE A 49 7.59 17.54 11.96
C ILE A 49 7.03 16.35 12.73
N PHE A 50 5.84 16.52 13.30
CA PHE A 50 5.12 15.44 13.98
C PHE A 50 3.71 15.37 13.40
N VAL A 51 3.32 14.19 12.91
CA VAL A 51 1.97 13.96 12.41
C VAL A 51 1.21 13.13 13.44
N VAL A 52 0.14 13.71 13.96
CA VAL A 52 -0.65 13.09 15.01
C VAL A 52 -2.10 12.91 14.51
N SER A 53 -2.72 11.76 14.79
CA SER A 53 -4.11 11.50 14.39
C SER A 53 -5.08 12.29 15.29
N ARG A 54 -6.35 12.29 14.91
CA ARG A 54 -7.37 12.99 15.69
C ARG A 54 -7.46 12.42 17.10
N ARG A 55 -7.17 11.12 17.26
CA ARG A 55 -7.16 10.46 18.58
C ARG A 55 -5.81 10.52 19.29
N GLY A 56 -4.87 11.31 18.77
CA GLY A 56 -3.62 11.60 19.45
C GLY A 56 -2.51 10.59 19.21
N LYS A 57 -2.72 9.68 18.27
CA LYS A 57 -1.72 8.66 17.93
C LYS A 57 -0.64 9.26 17.02
N LEU A 58 0.61 8.95 17.32
CA LEU A 58 1.73 9.35 16.47
C LEU A 58 1.77 8.53 15.18
N LEU A 59 1.53 9.19 14.05
CA LEU A 59 1.49 8.51 12.76
C LEU A 59 2.87 8.51 12.12
N GLY A 60 3.61 9.60 12.31
CA GLY A 60 4.95 9.74 11.74
C GLY A 60 5.62 11.01 12.25
N TYR A 61 6.95 11.04 12.19
CA TYR A 61 7.68 12.24 12.57
C TYR A 61 9.09 12.24 12.00
N SER A 62 9.67 13.43 11.94
CA SER A 62 11.07 13.61 11.53
C SER A 62 11.65 14.82 12.24
N ILE A 63 12.88 14.66 12.76
CA ILE A 63 13.53 15.71 13.52
C ILE A 63 14.80 16.17 12.78
N ASN A 64 14.96 17.47 12.59
CA ASN A 64 16.24 18.04 12.13
C ASN A 64 16.92 18.98 13.12
N GLN A 65 16.32 19.18 14.30
CA GLN A 65 16.93 20.00 15.36
C GLN A 65 16.41 19.57 16.73
N GLN A 66 17.32 19.04 17.56
CA GLN A 66 16.94 18.55 18.89
C GLN A 66 16.48 19.70 19.77
N ILE A 67 15.36 19.47 20.47
CA ILE A 67 14.81 20.42 21.41
C ILE A 67 14.47 19.65 22.68
N GLU A 68 15.05 20.06 23.80
CA GLU A 68 14.79 19.37 25.06
C GLU A 68 13.39 19.71 25.53
N ASN A 69 12.52 18.71 25.47
CA ASN A 69 11.11 18.85 25.78
C ASN A 69 10.60 17.49 26.23
N ASP A 70 10.50 17.32 27.55
CA ASP A 70 10.14 16.01 28.12
C ASP A 70 8.72 15.57 27.79
N ARG A 71 7.84 16.53 27.52
CA ARG A 71 6.46 16.22 27.12
C ARG A 71 6.45 15.60 25.73
N MET A 72 7.14 16.24 24.79
CA MET A 72 7.25 15.71 23.43
C MET A 72 8.04 14.39 23.38
N LYS A 73 9.10 14.29 24.17
CA LYS A 73 9.88 13.06 24.26
C LYS A 73 9.01 11.89 24.73
N LYS A 74 8.18 12.14 25.75
CA LYS A 74 7.26 11.11 26.26
C LYS A 74 6.23 10.68 25.20
N MET A 75 5.68 11.65 24.48
CA MET A 75 4.75 11.35 23.38
C MET A 75 5.41 10.44 22.34
N LEU A 76 6.67 10.73 22.00
CA LEU A 76 7.41 9.93 21.04
C LEU A 76 7.64 8.52 21.57
N GLU A 77 7.97 8.41 22.85
CA GLU A 77 8.13 7.09 23.50
C GLU A 77 6.82 6.28 23.53
N ASP A 78 5.71 6.95 23.83
CA ASP A 78 4.40 6.29 23.91
C ASP A 78 3.72 6.15 22.56
N ARG A 79 4.23 6.86 21.55
CA ARG A 79 3.63 6.91 20.21
C ARG A 79 2.19 7.47 20.29
N GLN A 80 1.97 8.35 21.26
CA GLN A 80 0.60 8.75 21.62
C GLN A 80 0.64 9.90 22.64
N PHE A 81 -0.24 10.89 22.45
CA PHE A 81 -0.45 11.91 23.48
C PHE A 81 -1.41 11.37 24.56
N PRO A 82 -1.25 11.84 25.80
CA PRO A 82 -2.27 11.55 26.82
C PRO A 82 -3.63 12.14 26.42
N GLU A 83 -4.71 11.63 27.01
CA GLU A 83 -6.08 12.05 26.69
C GLU A 83 -6.26 13.58 26.72
N GLU A 84 -5.75 14.21 27.76
CA GLU A 84 -5.95 15.64 28.00
C GLU A 84 -5.31 16.49 26.89
N TYR A 85 -4.12 16.08 26.44
CA TYR A 85 -3.41 16.77 25.36
C TYR A 85 -4.09 16.56 24.00
N THR A 86 -4.57 15.36 23.76
CA THR A 86 -5.32 15.04 22.53
C THR A 86 -6.58 15.93 22.43
N LYS A 87 -7.28 16.06 23.54
CA LYS A 87 -8.47 16.91 23.64
C LYS A 87 -8.12 18.38 23.34
N ASN A 88 -7.05 18.88 23.94
N ASN A 88 -7.06 18.87 23.98
CA ASN A 88 -6.68 20.29 23.76
CA ASN A 88 -6.56 20.24 23.79
C ASN A 88 -6.12 20.59 22.35
C ASN A 88 -6.24 20.52 22.32
N LEU A 89 -5.48 19.61 21.72
CA LEU A 89 -5.12 19.73 20.29
C LEU A 89 -6.38 19.81 19.41
N PHE A 90 -7.39 18.99 19.70
CA PHE A 90 -8.65 19.01 18.95
C PHE A 90 -9.35 20.38 19.05
N ASN A 91 -9.18 21.05 20.18
CA ASN A 91 -9.84 22.32 20.43
C ASN A 91 -9.13 23.48 19.73
N VAL A 92 -8.03 23.17 19.05
CA VAL A 92 -7.34 24.16 18.23
C VAL A 92 -7.92 24.17 16.82
N PRO A 93 -8.69 25.22 16.51
CA PRO A 93 -9.59 25.20 15.36
C PRO A 93 -8.89 25.66 14.08
N GLU A 94 -7.77 26.36 14.23
CA GLU A 94 -6.99 26.82 13.10
C GLU A 94 -5.53 27.05 13.48
N THR A 95 -4.68 27.22 12.48
CA THR A 95 -3.24 27.31 12.71
C THR A 95 -2.91 28.31 13.81
N SER A 96 -2.12 27.83 14.77
CA SER A 96 -1.63 28.63 15.89
C SER A 96 -0.11 28.52 15.88
N SER A 97 0.57 29.64 15.65
CA SER A 97 2.03 29.62 15.45
C SER A 97 2.88 30.29 16.55
N ASN A 98 4.14 29.87 16.60
CA ASN A 98 5.16 30.47 17.46
C ASN A 98 4.78 30.46 18.94
N LEU A 99 4.31 29.30 19.38
CA LEU A 99 3.93 29.06 20.76
C LEU A 99 5.20 28.71 21.56
N ASP A 100 5.36 29.35 22.71
CA ASP A 100 6.53 29.13 23.57
C ASP A 100 6.14 29.29 25.04
N ILE A 101 7.12 29.23 25.94
CA ILE A 101 6.86 29.38 27.38
C ILE A 101 6.09 30.63 27.80
N ASN A 102 6.21 31.72 27.03
CA ASN A 102 5.58 32.99 27.39
C ASN A 102 4.21 33.25 26.74
N SER A 103 3.74 32.36 25.88
CA SER A 103 2.51 32.60 25.11
C SER A 103 1.30 32.78 26.03
N PHE A 108 -4.66 25.81 25.51
CA PHE A 108 -4.04 24.89 26.45
C PHE A 108 -4.07 25.44 27.86
N PRO A 109 -4.55 24.64 28.84
CA PRO A 109 -4.45 25.07 30.22
C PRO A 109 -3.01 25.10 30.70
N VAL A 110 -2.71 25.96 31.67
CA VAL A 110 -1.36 26.11 32.23
C VAL A 110 -0.66 24.77 32.41
N GLU A 111 -1.38 23.82 32.97
CA GLU A 111 -0.86 22.48 33.28
CA GLU A 111 -0.82 22.49 33.29
C GLU A 111 -0.35 21.73 32.04
N ASN A 112 -0.94 22.02 30.88
CA ASN A 112 -0.57 21.36 29.62
C ASN A 112 0.30 22.24 28.70
N ARG A 113 0.75 23.40 29.17
CA ARG A 113 1.64 24.26 28.39
C ARG A 113 3.10 23.79 28.43
N ASP A 114 3.36 22.69 29.14
CA ASP A 114 4.67 22.04 29.05
C ASP A 114 4.93 21.49 27.65
N LEU A 115 3.87 21.33 26.85
CA LEU A 115 4.04 21.05 25.44
C LEU A 115 4.91 22.10 24.74
N PHE A 116 4.89 23.34 25.23
CA PHE A 116 5.67 24.45 24.67
C PHE A 116 6.86 24.85 25.56
N GLN A 117 7.35 23.90 26.37
CA GLN A 117 8.50 24.07 27.28
C GLN A 117 9.68 24.80 26.67
N ALA A 118 10.03 24.39 25.46
CA ALA A 118 11.25 24.83 24.80
C ALA A 118 10.97 25.07 23.33
N GLY A 119 11.78 25.94 22.73
CA GLY A 119 11.68 26.25 21.32
C GLY A 119 10.39 26.95 20.95
N LEU A 120 10.11 26.92 19.65
CA LEU A 120 8.90 27.54 19.09
CA LEU A 120 8.91 27.55 19.09
C LEU A 120 8.08 26.46 18.42
N THR A 121 6.77 26.44 18.69
CA THR A 121 5.89 25.39 18.18
C THR A 121 4.73 25.99 17.39
N THR A 122 4.40 25.35 16.27
CA THR A 122 3.25 25.70 15.45
C THR A 122 2.34 24.49 15.33
N ILE A 123 1.05 24.71 15.54
CA ILE A 123 0.04 23.66 15.50
C ILE A 123 -0.86 23.94 14.30
N VAL A 124 -0.96 22.95 13.40
CA VAL A 124 -1.74 23.11 12.19
C VAL A 124 -2.75 21.96 12.11
N PRO A 125 -4.05 22.29 12.24
CA PRO A 125 -5.04 21.25 12.06
C PRO A 125 -4.97 20.58 10.68
N ILE A 126 -5.10 19.26 10.66
CA ILE A 126 -5.21 18.51 9.42
C ILE A 126 -6.68 18.23 9.17
N ILE A 127 -7.17 18.78 8.08
CA ILE A 127 -8.58 18.69 7.71
C ILE A 127 -8.71 18.05 6.33
N GLY A 128 -9.67 17.13 6.21
CA GLY A 128 -9.96 16.45 4.96
C GLY A 128 -11.39 15.98 5.00
N GLY A 129 -12.10 16.16 3.90
CA GLY A 129 -13.53 15.87 3.84
C GLY A 129 -14.32 16.71 4.83
N GLY A 130 -13.89 17.95 5.06
CA GLY A 130 -14.49 18.83 6.06
C GLY A 130 -14.30 18.42 7.52
N GLU A 131 -13.59 17.33 7.77
CA GLU A 131 -13.45 16.78 9.12
C GLU A 131 -12.02 16.91 9.66
N ARG A 132 -11.89 16.97 10.98
CA ARG A 132 -10.59 17.04 11.65
C ARG A 132 -9.98 15.64 11.71
N LEU A 133 -8.94 15.43 10.90
CA LEU A 133 -8.33 14.11 10.73
C LEU A 133 -7.09 13.93 11.60
N GLY A 134 -6.56 15.03 12.11
CA GLY A 134 -5.35 15.00 12.91
C GLY A 134 -4.74 16.38 13.06
N THR A 135 -3.47 16.41 13.45
CA THR A 135 -2.75 17.64 13.72
C THR A 135 -1.31 17.50 13.26
N LEU A 136 -0.83 18.51 12.57
CA LEU A 136 0.58 18.63 12.19
C LEU A 136 1.20 19.58 13.21
N ILE A 137 2.19 19.08 13.94
CA ILE A 137 2.93 19.89 14.90
C ILE A 137 4.32 20.12 14.33
N LEU A 138 4.73 21.39 14.32
CA LEU A 138 6.06 21.79 13.84
C LEU A 138 6.82 22.46 14.98
N SER A 139 8.11 22.16 15.10
CA SER A 139 8.91 22.81 16.14
C SER A 139 10.32 23.16 15.66
N ARG A 140 10.80 24.30 16.18
CA ARG A 140 12.13 24.83 15.88
C ARG A 140 12.76 25.30 17.19
N LEU A 141 14.09 25.17 17.27
CA LEU A 141 14.81 25.56 18.48
C LEU A 141 14.75 27.06 18.74
N GLN A 142 14.93 27.87 17.69
CA GLN A 142 14.99 29.33 17.88
C GLN A 142 14.43 30.23 16.77
N ASP A 143 14.24 29.71 15.56
CA ASP A 143 13.79 30.52 14.44
C ASP A 143 12.27 30.56 14.34
N GLN A 144 11.72 31.77 14.27
CA GLN A 144 10.27 31.94 14.18
C GLN A 144 9.69 31.46 12.85
N PHE A 145 8.45 30.97 12.91
CA PHE A 145 7.68 30.62 11.73
C PHE A 145 7.04 31.87 11.14
N ASN A 146 7.35 32.16 9.89
CA ASN A 146 6.74 33.30 9.19
C ASN A 146 5.61 32.84 8.26
N ASP A 147 5.01 33.78 7.54
CA ASP A 147 3.88 33.46 6.67
C ASP A 147 4.24 32.47 5.55
N ASP A 148 5.46 32.57 5.01
CA ASP A 148 5.93 31.58 4.03
C ASP A 148 5.92 30.18 4.64
N ASP A 149 6.42 30.07 5.86
CA ASP A 149 6.43 28.80 6.59
C ASP A 149 5.02 28.25 6.78
N LEU A 150 4.09 29.14 7.11
CA LEU A 150 2.69 28.74 7.29
C LEU A 150 2.05 28.27 5.99
N ILE A 151 2.37 28.94 4.88
CA ILE A 151 1.88 28.52 3.57
C ILE A 151 2.30 27.07 3.31
N LEU A 152 3.57 26.77 3.55
CA LEU A 152 4.09 25.41 3.32
C LEU A 152 3.51 24.40 4.31
N ALA A 153 3.39 24.81 5.58
CA ALA A 153 2.85 23.94 6.63
C ALA A 153 1.41 23.54 6.35
N GLU A 154 0.60 24.52 5.94
CA GLU A 154 -0.81 24.29 5.61
C GLU A 154 -0.99 23.47 4.33
N TYR A 155 -0.14 23.70 3.34
CA TYR A 155 -0.12 22.87 2.12
C TYR A 155 0.20 21.42 2.51
N GLY A 156 1.26 21.25 3.31
CA GLY A 156 1.66 19.94 3.79
C GLY A 156 0.58 19.25 4.60
N ALA A 157 -0.09 20.03 5.47
CA ALA A 157 -1.19 19.50 6.26
C ALA A 157 -2.29 18.92 5.36
N THR A 158 -2.65 19.66 4.31
CA THR A 158 -3.66 19.20 3.34
C THR A 158 -3.27 17.87 2.69
N VAL A 159 -2.02 17.78 2.22
CA VAL A 159 -1.53 16.54 1.63
C VAL A 159 -1.61 15.38 2.61
N VAL A 160 -1.17 15.61 3.85
CA VAL A 160 -1.25 14.57 4.88
C VAL A 160 -2.71 14.13 5.12
N GLY A 161 -3.64 15.07 5.15
CA GLY A 161 -5.07 14.77 5.28
C GLY A 161 -5.60 13.91 4.14
N MET A 162 -5.21 14.28 2.92
CA MET A 162 -5.47 13.49 1.69
C MET A 162 -5.08 12.04 1.92
N GLU A 163 -3.91 11.84 2.50
CA GLU A 163 -3.33 10.53 2.71
C GLU A 163 -3.93 9.76 3.89
N ILE A 164 -4.36 10.47 4.93
CA ILE A 164 -5.06 9.83 6.04
C ILE A 164 -6.38 9.21 5.54
N LEU A 165 -7.06 9.92 4.64
CA LEU A 165 -8.28 9.41 4.01
C LEU A 165 -7.98 8.20 3.11
N ARG A 166 -6.96 8.34 2.26
CA ARG A 166 -6.54 7.28 1.36
C ARG A 166 -6.15 6.04 2.14
N GLU A 167 -5.43 6.22 3.24
CA GLU A 167 -5.06 5.15 4.15
C GLU A 167 -6.28 4.50 4.81
N LYS A 168 -7.30 5.31 5.11
CA LYS A 168 -8.58 4.80 5.64
C LYS A 168 -9.31 3.88 4.65
N ALA A 169 -9.05 4.05 3.35
CA ALA A 169 -9.68 3.24 2.31
C ALA A 169 -8.70 2.24 1.66
N GLU A 170 -7.65 1.86 2.40
CA GLU A 170 -6.70 0.85 1.92
C GLU A 170 -7.12 -0.54 2.41
N HIS B 10 3.92 37.98 4.04
N HIS B 10 2.99 39.04 1.87
CA HIS B 10 3.25 37.43 2.82
CA HIS B 10 3.21 37.79 2.65
C HIS B 10 1.77 37.20 3.14
C HIS B 10 1.90 37.24 3.24
N MET B 11 1.11 38.16 3.81
CA MET B 11 -0.20 37.86 4.41
C MET B 11 -1.33 37.69 3.38
N ALA B 12 -1.35 38.54 2.37
CA ALA B 12 -2.33 38.40 1.28
C ALA B 12 -2.19 37.03 0.61
N LEU B 13 -0.95 36.61 0.34
CA LEU B 13 -0.72 35.30 -0.28
C LEU B 13 -1.19 34.16 0.62
N LEU B 14 -0.91 34.27 1.92
CA LEU B 14 -1.35 33.27 2.88
C LEU B 14 -2.88 33.14 2.88
N GLN B 15 -3.59 34.27 2.87
CA GLN B 15 -5.05 34.25 2.84
CA GLN B 15 -5.06 34.24 2.84
C GLN B 15 -5.56 33.58 1.56
N LYS B 16 -4.95 33.93 0.44
CA LYS B 16 -5.35 33.37 -0.86
C LYS B 16 -5.08 31.87 -0.97
N THR B 17 -3.95 31.41 -0.44
CA THR B 17 -3.69 29.96 -0.39
C THR B 17 -4.73 29.24 0.48
N ARG B 18 -5.18 29.88 1.56
CA ARG B 18 -6.22 29.31 2.40
C ARG B 18 -7.55 29.10 1.66
N ILE B 19 -7.88 30.04 0.77
CA ILE B 19 -9.10 29.92 -0.03
C ILE B 19 -8.98 28.76 -1.01
N ILE B 20 -7.84 28.65 -1.69
CA ILE B 20 -7.64 27.52 -2.59
C ILE B 20 -7.63 26.18 -1.83
N ASN B 21 -6.90 26.18 -0.71
N ASN B 21 -7.11 26.17 -0.62
CA ASN B 21 -6.61 24.98 0.07
CA ASN B 21 -7.27 24.99 0.24
C ASN B 21 -7.88 24.42 0.70
C ASN B 21 -8.76 24.65 0.49
N SER B 22 -8.78 25.32 1.05
N SER B 22 -9.60 25.68 0.65
CA SER B 22 -10.07 24.92 1.58
CA SER B 22 -11.01 25.47 0.95
C SER B 22 -10.86 24.14 0.52
C SER B 22 -11.79 24.94 -0.26
N MET B 23 -10.48 24.31 -0.74
N MET B 23 -11.33 25.31 -1.45
CA MET B 23 -11.15 23.57 -1.82
CA MET B 23 -11.97 24.84 -2.66
C MET B 23 -10.72 22.10 -1.76
C MET B 23 -11.75 23.34 -2.78
N LEU B 24 -9.49 21.85 -1.35
N LEU B 24 -10.56 22.90 -2.37
CA LEU B 24 -8.99 20.48 -1.21
CA LEU B 24 -10.17 21.50 -2.47
C LEU B 24 -9.52 19.83 0.06
C LEU B 24 -11.05 20.62 -1.58
N GLN B 25 -9.64 20.61 1.12
N GLN B 25 -11.44 21.14 -0.42
CA GLN B 25 -9.85 20.05 2.46
CA GLN B 25 -12.24 20.34 0.51
C GLN B 25 -11.31 20.11 2.92
C GLN B 25 -13.71 20.69 0.44
N ALA B 26 -12.09 20.99 2.32
N ALA B 26 -14.05 21.72 -0.32
CA ALA B 26 -13.46 21.25 2.77
CA ALA B 26 -15.44 22.02 -0.62
C ALA B 26 -14.47 20.29 2.15
C ALA B 26 -15.92 20.98 -1.61
N ALA B 27 -15.60 20.13 2.84
N ALA B 27 -14.98 20.21 -2.13
CA ALA B 27 -16.74 19.37 2.32
CA ALA B 27 -15.27 19.12 -3.05
C ALA B 27 -16.35 18.04 1.69
C ALA B 27 -15.92 17.96 -2.31
N ALA B 28 -16.13 18.05 0.38
N ALA B 28 -15.47 17.75 -1.08
CA ALA B 28 -15.95 16.82 -0.37
CA ALA B 28 -15.96 16.65 -0.26
C ALA B 28 -17.29 16.16 -0.72
C ALA B 28 -17.32 16.14 -0.73
N GLY B 29 -18.37 16.91 -0.48
CA GLY B 29 -19.74 16.42 -0.69
C GLY B 29 -20.35 16.78 -2.03
N LYS B 30 -20.25 18.05 -2.42
CA LYS B 30 -20.91 18.54 -3.64
C LYS B 30 -20.33 17.90 -4.90
N PRO B 31 -21.16 17.76 -5.97
CA PRO B 31 -20.59 17.34 -7.26
C PRO B 31 -19.56 18.32 -7.80
N VAL B 32 -18.77 17.88 -8.78
CA VAL B 32 -17.75 18.72 -9.38
C VAL B 32 -18.40 19.81 -10.23
N ASN B 33 -17.91 21.04 -10.07
CA ASN B 33 -18.36 22.19 -10.85
C ASN B 33 -17.17 23.03 -11.34
N PHE B 34 -16.78 22.82 -12.59
CA PHE B 34 -15.62 23.52 -13.16
C PHE B 34 -15.85 25.03 -13.31
N LYS B 35 -17.08 25.44 -13.63
CA LYS B 35 -17.37 26.87 -13.73
C LYS B 35 -17.13 27.56 -12.39
N GLU B 36 -17.58 26.92 -11.30
CA GLU B 36 -17.37 27.42 -9.95
C GLU B 36 -15.88 27.51 -9.59
N MET B 37 -15.11 26.47 -9.91
CA MET B 37 -13.67 26.50 -9.67
CA MET B 37 -13.68 26.52 -9.64
C MET B 37 -13.00 27.64 -10.43
N ALA B 38 -13.43 27.83 -11.69
CA ALA B 38 -12.90 28.91 -12.53
C ALA B 38 -13.19 30.27 -11.91
N GLU B 39 -14.41 30.44 -11.39
CA GLU B 39 -14.80 31.68 -10.72
C GLU B 39 -13.98 31.96 -9.46
N THR B 40 -13.76 30.94 -8.64
CA THR B 40 -12.93 31.04 -7.45
C THR B 40 -11.51 31.48 -7.79
N LEU B 41 -10.89 30.79 -8.74
CA LEU B 41 -9.54 31.15 -9.17
C LEU B 41 -9.47 32.53 -9.86
N ARG B 42 -10.53 32.90 -10.58
CA ARG B 42 -10.60 34.22 -11.20
C ARG B 42 -10.43 35.30 -10.13
N ASP B 43 -11.17 35.16 -9.04
CA ASP B 43 -11.17 36.17 -7.97
C ASP B 43 -9.92 36.11 -7.10
N VAL B 44 -9.41 34.90 -6.82
CA VAL B 44 -8.24 34.75 -5.98
C VAL B 44 -6.97 35.23 -6.69
N ILE B 45 -6.82 34.82 -7.96
CA ILE B 45 -5.60 35.16 -8.71
C ILE B 45 -5.73 36.53 -9.37
N ASP B 46 -6.98 36.92 -9.69
CA ASP B 46 -7.29 38.14 -10.43
C ASP B 46 -6.80 37.99 -11.88
N SER B 47 -7.54 37.18 -12.63
CA SER B 47 -7.14 36.76 -13.97
C SER B 47 -8.34 36.11 -14.66
N ASN B 48 -8.36 36.12 -16.00
CA ASN B 48 -9.25 35.24 -16.73
C ASN B 48 -8.77 33.80 -16.49
N ILE B 49 -9.69 32.86 -16.41
CA ILE B 49 -9.37 31.45 -16.14
C ILE B 49 -10.09 30.56 -17.16
N PHE B 50 -9.33 29.70 -17.85
CA PHE B 50 -9.89 28.69 -18.75
C PHE B 50 -9.36 27.31 -18.36
N VAL B 51 -10.27 26.37 -18.17
CA VAL B 51 -9.92 24.99 -17.86
C VAL B 51 -10.21 24.11 -19.07
N VAL B 52 -9.15 23.51 -19.61
CA VAL B 52 -9.20 22.69 -20.82
C VAL B 52 -8.81 21.26 -20.43
N SER B 53 -9.49 20.25 -21.00
CA SER B 53 -9.13 18.85 -20.76
C SER B 53 -7.88 18.51 -21.58
N ARG B 54 -7.34 17.32 -21.35
CA ARG B 54 -6.17 16.85 -22.10
C ARG B 54 -6.47 16.75 -23.59
N ARG B 55 -7.72 16.43 -23.95
CA ARG B 55 -8.13 16.37 -25.35
C ARG B 55 -8.64 17.71 -25.91
N GLY B 56 -8.45 18.80 -25.17
CA GLY B 56 -8.70 20.14 -25.67
C GLY B 56 -10.13 20.66 -25.47
N LYS B 57 -10.95 19.91 -24.73
CA LYS B 57 -12.35 20.29 -24.49
C LYS B 57 -12.43 21.35 -23.39
N LEU B 58 -13.24 22.38 -23.62
CA LEU B 58 -13.49 23.41 -22.61
C LEU B 58 -14.34 22.80 -21.51
N LEU B 59 -13.79 22.79 -20.29
CA LEU B 59 -14.50 22.24 -19.13
C LEU B 59 -15.20 23.33 -18.32
N GLY B 60 -14.59 24.51 -18.29
CA GLY B 60 -15.16 25.65 -17.58
C GLY B 60 -14.27 26.86 -17.77
N TYR B 61 -14.84 28.05 -17.60
CA TYR B 61 -14.06 29.27 -17.68
C TYR B 61 -14.74 30.42 -16.94
N SER B 62 -13.98 31.45 -16.64
CA SER B 62 -14.52 32.69 -16.09
C SER B 62 -13.63 33.85 -16.44
N ILE B 63 -14.26 34.96 -16.83
CA ILE B 63 -13.55 36.12 -17.34
C ILE B 63 -13.82 37.32 -16.44
N ASN B 64 -12.76 38.01 -16.02
CA ASN B 64 -12.91 39.31 -15.33
C ASN B 64 -12.26 40.50 -16.06
N GLN B 65 -11.64 40.23 -17.21
CA GLN B 65 -11.08 41.29 -18.05
C GLN B 65 -11.09 40.87 -19.52
N GLN B 66 -11.97 41.50 -20.30
CA GLN B 66 -12.11 41.17 -21.71
C GLN B 66 -10.82 41.47 -22.48
N ILE B 67 -10.41 40.51 -23.30
CA ILE B 67 -9.23 40.63 -24.15
C ILE B 67 -9.64 40.19 -25.55
N GLU B 68 -9.37 41.04 -26.54
CA GLU B 68 -9.71 40.74 -27.93
C GLU B 68 -8.77 39.64 -28.46
N ASN B 69 -9.33 38.47 -28.74
CA ASN B 69 -8.55 37.31 -29.18
C ASN B 69 -9.45 36.32 -29.94
N ASP B 70 -9.38 36.35 -31.27
CA ASP B 70 -10.26 35.54 -32.13
C ASP B 70 -10.10 34.04 -31.89
N ARG B 71 -8.87 33.63 -31.57
CA ARG B 71 -8.56 32.22 -31.34
C ARG B 71 -9.25 31.71 -30.07
N MET B 72 -9.17 32.49 -28.99
CA MET B 72 -9.84 32.14 -27.74
C MET B 72 -11.36 32.22 -27.88
N LYS B 73 -11.84 33.24 -28.59
CA LYS B 73 -13.27 33.37 -28.87
C LYS B 73 -13.80 32.13 -29.61
N LYS B 74 -13.08 31.70 -30.64
CA LYS B 74 -13.48 30.51 -31.41
C LYS B 74 -13.49 29.27 -30.54
N MET B 75 -12.46 29.13 -29.70
CA MET B 75 -12.41 28.01 -28.74
C MET B 75 -13.64 28.01 -27.85
N LEU B 76 -13.99 29.18 -27.32
CA LEU B 76 -15.21 29.32 -26.51
C LEU B 76 -16.46 28.91 -27.28
N GLU B 77 -16.60 29.37 -28.53
CA GLU B 77 -17.75 29.01 -29.37
C GLU B 77 -17.81 27.52 -29.67
N ASP B 78 -16.65 26.91 -29.93
CA ASP B 78 -16.57 25.48 -30.23
C ASP B 78 -16.55 24.60 -28.98
N ARG B 79 -16.29 25.20 -27.81
CA ARG B 79 -16.10 24.47 -26.55
C ARG B 79 -14.97 23.44 -26.67
N GLN B 80 -13.96 23.79 -27.47
CA GLN B 80 -12.92 22.85 -27.91
C GLN B 80 -11.85 23.62 -28.67
N PHE B 81 -10.58 23.31 -28.40
CA PHE B 81 -9.47 23.78 -29.25
C PHE B 81 -9.37 22.90 -30.50
N PRO B 82 -8.84 23.46 -31.60
CA PRO B 82 -8.54 22.61 -32.75
C PRO B 82 -7.42 21.62 -32.43
N GLU B 83 -7.34 20.53 -33.18
CA GLU B 83 -6.40 19.43 -32.90
C GLU B 83 -4.97 19.91 -32.70
N GLU B 84 -4.51 20.82 -33.56
CA GLU B 84 -3.12 21.28 -33.53
C GLU B 84 -2.82 22.01 -32.21
N TYR B 85 -3.76 22.86 -31.79
CA TYR B 85 -3.61 23.61 -30.55
C TYR B 85 -3.63 22.70 -29.33
N THR B 86 -4.49 21.69 -29.35
CA THR B 86 -4.57 20.71 -28.28
C THR B 86 -3.22 19.97 -28.16
N LYS B 87 -2.66 19.60 -29.30
CA LYS B 87 -1.35 18.97 -29.33
C LYS B 87 -0.26 19.88 -28.76
N ASN B 88 -0.24 21.15 -29.15
N ASN B 88 -0.24 21.14 -29.18
CA ASN B 88 0.81 22.05 -28.69
CA ASN B 88 0.76 22.11 -28.70
C ASN B 88 0.71 22.44 -27.20
C ASN B 88 0.70 22.28 -27.18
N LEU B 89 -0.51 22.42 -26.65
CA LEU B 89 -0.71 22.55 -25.20
C LEU B 89 -0.16 21.35 -24.44
N PHE B 90 -0.42 20.15 -24.96
CA PHE B 90 0.09 18.91 -24.37
C PHE B 90 1.61 18.90 -24.31
N ASN B 91 2.24 19.53 -25.31
CA ASN B 91 3.69 19.64 -25.38
C ASN B 91 4.34 20.67 -24.45
N VAL B 92 3.52 21.43 -23.71
CA VAL B 92 4.02 22.32 -22.66
C VAL B 92 4.17 21.48 -21.38
N PRO B 93 5.42 21.15 -20.98
CA PRO B 93 5.57 20.19 -19.88
C PRO B 93 5.50 20.79 -18.49
N GLU B 94 5.63 22.11 -18.39
CA GLU B 94 5.58 22.78 -17.10
C GLU B 94 5.13 24.21 -17.30
N THR B 95 4.84 24.89 -16.20
CA THR B 95 4.31 26.24 -16.26
C THR B 95 5.13 27.16 -17.15
N SER B 96 4.45 27.81 -18.08
CA SER B 96 5.05 28.76 -19.01
C SER B 96 4.27 30.06 -18.85
N SER B 97 4.92 31.12 -18.38
CA SER B 97 4.21 32.36 -17.99
C SER B 97 4.53 33.59 -18.86
N ASN B 98 3.60 34.54 -18.85
CA ASN B 98 3.77 35.83 -19.52
C ASN B 98 4.06 35.72 -21.02
N LEU B 99 3.29 34.87 -21.69
CA LEU B 99 3.39 34.69 -23.13
C LEU B 99 2.61 35.78 -23.86
N ASP B 100 3.20 36.37 -24.90
CA ASP B 100 2.53 37.42 -25.67
C ASP B 100 2.99 37.42 -27.13
N ILE B 101 2.52 38.40 -27.91
CA ILE B 101 2.89 38.52 -29.34
C ILE B 101 4.38 38.45 -29.60
N ASN B 102 5.18 39.04 -28.72
CA ASN B 102 6.63 39.13 -28.91
C ASN B 102 7.41 37.98 -28.29
N SER B 103 6.70 36.93 -27.85
CA SER B 103 7.33 35.89 -27.04
C SER B 103 8.48 35.17 -27.73
N GLU B 104 9.36 34.62 -26.92
CA GLU B 104 10.74 34.38 -27.29
C GLU B 104 11.02 32.88 -27.44
N THR B 106 9.65 30.04 -26.44
CA THR B 106 8.46 29.19 -26.39
C THR B 106 8.50 28.11 -27.47
N ALA B 107 7.57 27.15 -27.39
CA ALA B 107 7.49 26.06 -28.36
C ALA B 107 6.08 25.89 -28.93
N PHE B 108 5.46 27.00 -29.30
CA PHE B 108 4.28 27.00 -30.16
C PHE B 108 4.76 27.38 -31.55
N PRO B 109 4.37 26.62 -32.59
CA PRO B 109 4.74 27.07 -33.93
C PRO B 109 4.15 28.45 -34.24
N VAL B 110 4.90 29.26 -35.00
CA VAL B 110 4.51 30.63 -35.32
C VAL B 110 3.06 30.74 -35.81
N GLU B 111 2.59 29.71 -36.52
CA GLU B 111 1.23 29.68 -37.04
CA GLU B 111 1.23 29.68 -37.04
C GLU B 111 0.17 29.55 -35.94
N ASN B 112 0.55 28.98 -34.79
CA ASN B 112 -0.37 28.81 -33.66
C ASN B 112 -0.17 29.81 -32.52
N ARG B 113 0.70 30.80 -32.71
CA ARG B 113 0.91 31.84 -31.68
C ARG B 113 -0.16 32.93 -31.70
N ASP B 114 -1.17 32.80 -32.55
CA ASP B 114 -2.37 33.63 -32.45
C ASP B 114 -3.14 33.40 -31.14
N LEU B 115 -2.84 32.27 -30.46
CA LEU B 115 -3.30 32.06 -29.09
C LEU B 115 -2.84 33.19 -28.15
N PHE B 116 -1.70 33.82 -28.46
CA PHE B 116 -1.14 34.91 -27.67
C PHE B 116 -1.22 36.26 -28.39
N GLN B 117 -2.24 36.43 -29.23
CA GLN B 117 -2.48 37.69 -29.98
C GLN B 117 -2.40 38.92 -29.10
N ALA B 118 -3.11 38.85 -27.98
CA ALA B 118 -3.32 40.01 -27.12
C ALA B 118 -3.15 39.60 -25.66
N GLY B 119 -2.78 40.57 -24.83
CA GLY B 119 -2.61 40.37 -23.40
C GLY B 119 -1.40 39.52 -23.04
N LEU B 120 -1.43 39.01 -21.81
CA LEU B 120 -0.40 38.11 -21.29
CA LEU B 120 -0.40 38.13 -21.29
C LEU B 120 -1.05 36.81 -20.89
N THR B 121 -0.45 35.70 -21.29
CA THR B 121 -1.02 34.37 -21.05
C THR B 121 -0.03 33.51 -20.27
N THR B 122 -0.58 32.74 -19.31
CA THR B 122 0.19 31.76 -18.57
C THR B 122 -0.48 30.40 -18.75
N ILE B 123 0.34 29.40 -19.10
CA ILE B 123 -0.12 28.02 -19.31
C ILE B 123 0.44 27.16 -18.16
N VAL B 124 -0.46 26.51 -17.44
CA VAL B 124 -0.13 25.64 -16.31
C VAL B 124 -0.71 24.25 -16.56
N PRO B 125 0.16 23.24 -16.78
CA PRO B 125 -0.33 21.87 -16.89
C PRO B 125 -1.11 21.44 -15.66
N ILE B 126 -2.24 20.77 -15.88
CA ILE B 126 -3.00 20.12 -14.81
C ILE B 126 -2.59 18.66 -14.74
N ILE B 127 -2.01 18.28 -13.63
CA ILE B 127 -1.47 16.94 -13.44
C ILE B 127 -2.12 16.33 -12.21
N GLY B 128 -2.58 15.09 -12.36
CA GLY B 128 -3.24 14.37 -11.27
C GLY B 128 -3.02 12.88 -11.48
N GLY B 129 -2.74 12.17 -10.39
CA GLY B 129 -2.41 10.75 -10.45
C GLY B 129 -1.27 10.47 -11.42
N GLY B 130 -0.29 11.37 -11.44
CA GLY B 130 0.86 11.25 -12.35
C GLY B 130 0.58 11.40 -13.84
N GLU B 131 -0.61 11.90 -14.18
CA GLU B 131 -1.07 12.00 -15.57
C GLU B 131 -1.35 13.45 -15.95
N ARG B 132 -1.13 13.80 -17.22
CA ARG B 132 -1.59 15.09 -17.76
C ARG B 132 -3.11 15.03 -17.97
N LEU B 133 -3.85 15.74 -17.11
CA LEU B 133 -5.32 15.68 -17.13
C LEU B 133 -5.95 16.84 -17.91
N GLY B 134 -5.16 17.89 -18.13
CA GLY B 134 -5.63 19.07 -18.84
C GLY B 134 -4.69 20.23 -18.68
N THR B 135 -5.20 21.43 -18.94
CA THR B 135 -4.40 22.64 -18.92
C THR B 135 -5.22 23.77 -18.33
N LEU B 136 -4.61 24.51 -17.40
CA LEU B 136 -5.13 25.76 -16.88
C LEU B 136 -4.48 26.92 -17.65
N ILE B 137 -5.31 27.69 -18.35
CA ILE B 137 -4.84 28.86 -19.07
C ILE B 137 -5.33 30.11 -18.34
N LEU B 138 -4.41 31.01 -18.03
CA LEU B 138 -4.71 32.27 -17.37
C LEU B 138 -4.38 33.42 -18.32
N SER B 139 -5.22 34.44 -18.39
CA SER B 139 -4.88 35.60 -19.19
C SER B 139 -5.23 36.91 -18.51
N ARG B 140 -4.38 37.91 -18.71
CA ARG B 140 -4.61 39.27 -18.23
C ARG B 140 -4.36 40.25 -19.38
N LEU B 141 -5.06 41.39 -19.34
CA LEU B 141 -4.87 42.40 -20.38
C LEU B 141 -3.46 42.99 -20.39
N GLN B 142 -2.96 43.37 -19.23
CA GLN B 142 -1.68 44.11 -19.17
C GLN B 142 -0.74 43.79 -18.00
N ASP B 143 -1.24 43.20 -16.92
CA ASP B 143 -0.42 42.98 -15.72
C ASP B 143 0.29 41.63 -15.75
N GLN B 144 1.60 41.65 -15.54
CA GLN B 144 2.41 40.43 -15.55
C GLN B 144 2.08 39.48 -14.40
N PHE B 145 2.29 38.20 -14.64
CA PHE B 145 2.13 37.15 -13.64
C PHE B 145 3.45 37.02 -12.91
N ASN B 146 3.42 37.15 -11.59
CA ASN B 146 4.63 37.05 -10.77
C ASN B 146 4.66 35.69 -10.05
N ASP B 147 5.68 35.46 -9.24
CA ASP B 147 5.83 34.16 -8.56
C ASP B 147 4.68 33.85 -7.58
N ASP B 148 4.13 34.87 -6.93
CA ASP B 148 2.95 34.67 -6.09
C ASP B 148 1.76 34.19 -6.92
N ASP B 149 1.55 34.82 -8.07
CA ASP B 149 0.52 34.40 -9.01
C ASP B 149 0.72 32.95 -9.43
N LEU B 150 1.96 32.57 -9.70
CA LEU B 150 2.27 31.20 -10.10
C LEU B 150 2.03 30.17 -8.99
N ILE B 151 2.38 30.52 -7.76
CA ILE B 151 2.07 29.69 -6.59
C ILE B 151 0.57 29.39 -6.54
N LEU B 152 -0.25 30.43 -6.67
CA LEU B 152 -1.69 30.26 -6.64
C LEU B 152 -2.22 29.49 -7.87
N ALA B 153 -1.67 29.80 -9.05
CA ALA B 153 -2.07 29.13 -10.29
C ALA B 153 -1.79 27.61 -10.23
N GLU B 154 -0.63 27.26 -9.71
CA GLU B 154 -0.23 25.86 -9.62
C GLU B 154 -1.03 25.10 -8.53
N TYR B 155 -1.31 25.78 -7.42
CA TYR B 155 -2.18 25.24 -6.36
C TYR B 155 -3.58 24.97 -6.96
N GLY B 156 -4.12 25.97 -7.65
CA GLY B 156 -5.41 25.86 -8.31
C GLY B 156 -5.45 24.73 -9.33
N ALA B 157 -4.40 24.63 -10.15
CA ALA B 157 -4.32 23.57 -11.16
C ALA B 157 -4.41 22.18 -10.52
N THR B 158 -3.74 22.02 -9.40
CA THR B 158 -3.76 20.73 -8.70
C THR B 158 -5.16 20.38 -8.19
N VAL B 159 -5.89 21.37 -7.68
CA VAL B 159 -7.26 21.17 -7.21
C VAL B 159 -8.17 20.80 -8.37
N VAL B 160 -8.03 21.51 -9.49
CA VAL B 160 -8.80 21.18 -10.70
C VAL B 160 -8.51 19.73 -11.14
N GLY B 161 -7.24 19.33 -11.07
CA GLY B 161 -6.84 17.95 -11.39
C GLY B 161 -7.53 16.92 -10.51
N MET B 162 -7.54 17.21 -9.21
CA MET B 162 -8.28 16.44 -8.19
C MET B 162 -9.73 16.21 -8.61
N GLU B 163 -10.36 17.29 -9.10
CA GLU B 163 -11.77 17.27 -9.47
C GLU B 163 -12.05 16.65 -10.83
N ILE B 164 -11.09 16.76 -11.76
CA ILE B 164 -11.20 16.05 -13.04
C ILE B 164 -11.26 14.54 -12.80
N LEU B 165 -10.44 14.07 -11.86
CA LEU B 165 -10.42 12.66 -11.48
C LEU B 165 -11.75 12.24 -10.84
N ARG B 166 -12.26 13.08 -9.94
CA ARG B 166 -13.57 12.83 -9.32
C ARG B 166 -14.66 12.70 -10.36
N GLU B 167 -14.69 13.61 -11.33
CA GLU B 167 -15.69 13.55 -12.40
C GLU B 167 -15.55 12.29 -13.25
N LYS B 168 -14.31 11.88 -13.52
CA LYS B 168 -14.03 10.59 -14.15
C LYS B 168 -14.74 9.45 -13.40
N ALA B 169 -14.64 9.47 -12.06
CA ALA B 169 -15.19 8.43 -11.20
C ALA B 169 -16.50 8.84 -10.53
N GLU B 170 -17.38 9.51 -11.29
CA GLU B 170 -18.63 10.03 -10.74
C GLU B 170 -19.82 9.28 -11.35
N HIS C 10 1.53 -36.30 14.18
N HIS C 10 1.30 -37.11 12.69
CA HIS C 10 1.62 -35.68 12.82
CA HIS C 10 1.65 -35.69 13.05
C HIS C 10 3.06 -35.32 12.43
C HIS C 10 3.03 -35.30 12.52
N MET C 11 4.04 -36.11 12.86
CA MET C 11 5.44 -35.80 12.55
C MET C 11 5.79 -35.96 11.06
N ALA C 12 5.28 -37.01 10.43
CA ALA C 12 5.46 -37.22 9.00
C ALA C 12 4.90 -36.04 8.20
N LEU C 13 3.69 -35.61 8.55
CA LEU C 13 3.08 -34.45 7.91
C LEU C 13 3.92 -33.19 8.09
N LEU C 14 4.40 -32.96 9.32
CA LEU C 14 5.22 -31.76 9.59
C LEU C 14 6.47 -31.71 8.70
N GLN C 15 7.18 -32.84 8.60
CA GLN C 15 8.36 -32.94 7.75
CA GLN C 15 8.38 -32.90 7.76
C GLN C 15 8.04 -32.65 6.29
N LYS C 16 6.95 -33.23 5.80
CA LYS C 16 6.53 -33.04 4.42
C LYS C 16 6.15 -31.57 4.14
N THR C 17 5.45 -30.92 5.08
CA THR C 17 5.15 -29.50 4.91
C THR C 17 6.42 -28.68 4.85
N ARG C 18 7.43 -29.08 5.63
CA ARG C 18 8.71 -28.35 5.60
C ARG C 18 9.40 -28.41 4.24
N ILE C 19 9.29 -29.56 3.56
CA ILE C 19 9.87 -29.71 2.23
C ILE C 19 9.14 -28.82 1.23
N ILE C 20 7.81 -28.81 1.27
CA ILE C 20 7.06 -27.93 0.38
C ILE C 20 7.36 -26.46 0.69
N ASN C 21 7.33 -26.14 1.99
N ASN C 21 7.56 -26.11 1.95
CA ASN C 21 7.39 -24.77 2.49
CA ASN C 21 8.09 -24.78 2.27
C ASN C 21 8.74 -24.16 2.15
C ASN C 21 9.44 -24.52 1.56
N SER C 22 9.78 -24.98 2.17
N SER C 22 10.32 -25.52 1.53
CA SER C 22 11.11 -24.55 1.76
CA SER C 22 11.65 -25.37 0.92
C SER C 22 11.12 -24.13 0.29
C SER C 22 11.60 -25.21 -0.60
N MET C 23 10.15 -24.62 -0.49
N MET C 23 10.59 -25.82 -1.23
CA MET C 23 10.05 -24.22 -1.89
CA MET C 23 10.43 -25.72 -2.67
C MET C 23 9.62 -22.76 -1.97
C MET C 23 10.12 -24.26 -3.01
N LEU C 24 8.88 -22.31 -0.96
N LEU C 24 9.34 -23.64 -2.15
CA LEU C 24 8.45 -20.90 -0.89
CA LEU C 24 8.97 -22.24 -2.32
C LEU C 24 9.55 -20.01 -0.33
C LEU C 24 10.21 -21.38 -2.20
N GLN C 25 10.28 -20.53 0.66
N GLN C 25 11.03 -21.69 -1.20
CA GLN C 25 11.28 -19.72 1.35
CA GLN C 25 12.24 -20.92 -0.94
C GLN C 25 12.65 -19.85 0.68
C GLN C 25 13.26 -21.11 -2.07
N ALA C 26 12.69 -20.60 -0.41
N ALA C 26 13.28 -22.31 -2.64
CA ALA C 26 13.94 -20.90 -1.12
CA ALA C 26 14.24 -22.65 -3.69
C ALA C 26 14.64 -19.65 -1.66
C ALA C 26 14.05 -21.74 -4.90
N ALA C 27 15.97 -19.72 -1.70
N ALA C 27 12.85 -21.22 -5.06
CA ALA C 27 16.80 -18.63 -2.17
CA ALA C 27 12.51 -20.37 -6.22
C ALA C 27 16.11 -17.78 -3.24
C ALA C 27 13.43 -19.16 -6.31
N ALA C 28 15.34 -18.44 -4.10
N ALA C 28 14.01 -18.77 -5.18
CA ALA C 28 14.72 -17.75 -5.24
CA ALA C 28 14.83 -17.57 -5.12
C ALA C 28 15.75 -17.43 -6.33
C ALA C 28 15.77 -17.41 -6.32
N GLY C 29 16.84 -18.20 -6.35
CA GLY C 29 17.92 -18.01 -7.33
C GLY C 29 18.03 -19.11 -8.38
N LYS C 30 16.88 -19.63 -8.80
CA LYS C 30 16.79 -20.58 -9.89
C LYS C 30 15.68 -20.12 -10.84
N PRO C 31 15.79 -20.46 -12.14
CA PRO C 31 14.64 -20.26 -13.01
C PRO C 31 13.49 -21.19 -12.62
N VAL C 32 12.27 -20.87 -13.05
CA VAL C 32 11.14 -21.75 -12.79
C VAL C 32 11.31 -23.06 -13.57
N ASN C 33 11.09 -24.17 -12.88
CA ASN C 33 11.16 -25.49 -13.49
C ASN C 33 9.97 -26.34 -13.03
N PHE C 34 8.94 -26.42 -13.86
CA PHE C 34 7.73 -27.14 -13.51
C PHE C 34 7.97 -28.64 -13.37
N LYS C 35 8.83 -29.21 -14.20
CA LYS C 35 9.16 -30.63 -14.08
C LYS C 35 9.73 -30.93 -12.70
N GLU C 36 10.65 -30.09 -12.23
CA GLU C 36 11.26 -30.26 -10.92
C GLU C 36 10.26 -30.13 -9.77
N MET C 37 9.36 -29.15 -9.86
CA MET C 37 8.32 -29.02 -8.86
C MET C 37 7.43 -30.25 -8.84
N ALA C 38 7.08 -30.76 -10.01
CA ALA C 38 6.27 -31.96 -10.13
C ALA C 38 6.94 -33.15 -9.44
N GLU C 39 8.25 -33.28 -9.64
CA GLU C 39 9.03 -34.35 -9.02
C GLU C 39 9.07 -34.26 -7.50
N THR C 40 9.25 -33.04 -6.97
CA THR C 40 9.20 -32.81 -5.54
C THR C 40 7.85 -33.20 -4.96
N LEU C 41 6.77 -32.73 -5.58
CA LEU C 41 5.42 -33.04 -5.11
C LEU C 41 5.10 -34.54 -5.23
N ARG C 42 5.59 -35.16 -6.30
CA ARG C 42 5.44 -36.60 -6.48
C ARG C 42 5.99 -37.36 -5.28
N ASP C 43 7.21 -37.02 -4.84
CA ASP C 43 7.85 -37.72 -3.73
C ASP C 43 7.28 -37.38 -2.36
N VAL C 44 6.88 -36.13 -2.16
CA VAL C 44 6.36 -35.68 -0.88
C VAL C 44 4.93 -36.20 -0.66
N ILE C 45 4.07 -36.01 -1.65
CA ILE C 45 2.66 -36.44 -1.54
C ILE C 45 2.52 -37.94 -1.79
N ASP C 46 3.43 -38.50 -2.60
CA ASP C 46 3.43 -39.90 -3.01
C ASP C 46 2.26 -40.11 -3.96
N SER C 47 2.39 -39.53 -5.15
CA SER C 47 1.32 -39.46 -6.13
C SER C 47 1.89 -39.10 -7.48
N ASN C 48 1.18 -39.46 -8.55
CA ASN C 48 1.41 -38.87 -9.85
C ASN C 48 0.99 -37.41 -9.75
N ILE C 49 1.66 -36.55 -10.50
CA ILE C 49 1.44 -35.09 -10.46
C ILE C 49 1.42 -34.54 -11.89
N PHE C 50 0.36 -33.80 -12.22
CA PHE C 50 0.25 -33.15 -13.51
C PHE C 50 -0.14 -31.68 -13.27
N VAL C 51 0.64 -30.77 -13.85
CA VAL C 51 0.39 -29.33 -13.76
C VAL C 51 -0.09 -28.83 -15.11
N VAL C 52 -1.32 -28.34 -15.18
CA VAL C 52 -1.80 -27.74 -16.43
C VAL C 52 -2.20 -26.28 -16.20
N SER C 53 -2.04 -25.49 -17.25
CA SER C 53 -2.36 -24.08 -17.20
C SER C 53 -3.88 -23.90 -17.23
N ARG C 54 -4.30 -22.66 -17.06
CA ARG C 54 -5.71 -22.33 -17.11
C ARG C 54 -6.28 -22.62 -18.50
N ARG C 55 -5.44 -22.51 -19.53
CA ARG C 55 -5.85 -22.82 -20.91
C ARG C 55 -5.62 -24.30 -21.30
N GLY C 56 -5.31 -25.15 -20.33
CA GLY C 56 -5.24 -26.59 -20.52
C GLY C 56 -3.91 -27.11 -21.05
N LYS C 57 -2.91 -26.26 -21.08
CA LYS C 57 -1.57 -26.66 -21.54
C LYS C 57 -0.79 -27.40 -20.45
N LEU C 58 -0.12 -28.47 -20.84
CA LEU C 58 0.74 -29.20 -19.92
C LEU C 58 1.99 -28.37 -19.61
N LEU C 59 2.18 -28.05 -18.33
CA LEU C 59 3.34 -27.28 -17.89
C LEU C 59 4.45 -28.23 -17.42
N GLY C 60 4.05 -29.28 -16.72
CA GLY C 60 4.99 -30.28 -16.24
C GLY C 60 4.26 -31.41 -15.56
N TYR C 61 4.95 -32.53 -15.41
CA TYR C 61 4.36 -33.69 -14.75
C TYR C 61 5.43 -34.65 -14.25
N SER C 62 5.03 -35.54 -13.36
CA SER C 62 5.89 -36.62 -12.89
C SER C 62 5.05 -37.79 -12.39
N ILE C 63 5.47 -39.00 -12.74
CA ILE C 63 4.73 -40.22 -12.46
C ILE C 63 5.56 -41.17 -11.61
N ASN C 64 4.97 -41.64 -10.51
CA ASN C 64 5.58 -42.71 -9.71
C ASN C 64 4.76 -43.99 -9.65
N GLN C 65 3.61 -44.03 -10.33
CA GLN C 65 2.81 -45.25 -10.42
C GLN C 65 1.99 -45.24 -11.71
N GLN C 66 2.29 -46.17 -12.62
CA GLN C 66 1.59 -46.21 -13.90
C GLN C 66 0.12 -46.57 -13.66
N ILE C 67 -0.76 -45.80 -14.30
CA ILE C 67 -2.20 -46.02 -14.27
C ILE C 67 -2.67 -45.99 -15.72
N GLU C 68 -3.43 -47.00 -16.12
CA GLU C 68 -3.94 -47.08 -17.48
C GLU C 68 -5.06 -46.05 -17.66
N ASN C 69 -4.75 -44.96 -18.36
CA ASN C 69 -5.71 -43.88 -18.57
C ASN C 69 -5.46 -43.24 -19.94
N ASP C 70 -6.27 -43.61 -20.93
CA ASP C 70 -6.05 -43.15 -22.30
C ASP C 70 -6.23 -41.65 -22.46
N ARG C 71 -7.17 -41.07 -21.73
CA ARG C 71 -7.38 -39.62 -21.74
C ARG C 71 -6.12 -38.86 -21.31
N MET C 72 -5.55 -39.31 -20.20
CA MET C 72 -4.33 -38.69 -19.68
C MET C 72 -3.14 -38.94 -20.60
N LYS C 73 -3.04 -40.16 -21.13
CA LYS C 73 -1.99 -40.48 -22.11
C LYS C 73 -2.06 -39.54 -23.33
N LYS C 74 -3.27 -39.34 -23.86
CA LYS C 74 -3.45 -38.44 -25.00
C LYS C 74 -3.11 -36.98 -24.64
N MET C 75 -3.51 -36.55 -23.45
CA MET C 75 -3.15 -35.22 -22.96
C MET C 75 -1.62 -35.03 -22.95
N LEU C 76 -0.90 -36.01 -22.43
CA LEU C 76 0.58 -35.95 -22.40
C LEU C 76 1.19 -35.87 -23.80
N GLU C 77 0.67 -36.67 -24.73
CA GLU C 77 1.10 -36.65 -26.13
C GLU C 77 0.84 -35.31 -26.82
N ASP C 78 -0.34 -34.73 -26.58
CA ASP C 78 -0.72 -33.45 -27.19
C ASP C 78 -0.14 -32.25 -26.43
N ARG C 79 0.36 -32.50 -25.22
CA ARG C 79 0.83 -31.46 -24.30
C ARG C 79 -0.28 -30.48 -23.93
N GLN C 80 -1.53 -30.96 -23.97
CA GLN C 80 -2.71 -30.10 -23.94
C GLN C 80 -3.97 -30.95 -23.77
N PHE C 81 -4.93 -30.46 -22.98
CA PHE C 81 -6.27 -31.05 -22.93
C PHE C 81 -7.14 -30.53 -24.08
N PRO C 82 -8.10 -31.34 -24.55
CA PRO C 82 -9.08 -30.80 -25.49
C PRO C 82 -9.89 -29.66 -24.84
N GLU C 83 -10.47 -28.82 -25.67
CA GLU C 83 -11.22 -27.62 -25.21
C GLU C 83 -12.26 -27.95 -24.15
N GLU C 84 -13.04 -28.99 -24.37
CA GLU C 84 -14.12 -29.38 -23.45
C GLU C 84 -13.58 -29.72 -22.04
N TYR C 85 -12.45 -30.43 -21.99
CA TYR C 85 -11.82 -30.81 -20.74
C TYR C 85 -11.26 -29.60 -20.02
N THR C 86 -10.63 -28.70 -20.78
CA THR C 86 -10.07 -27.47 -20.21
C THR C 86 -11.19 -26.62 -19.58
N LYS C 87 -12.30 -26.52 -20.31
CA LYS C 87 -13.49 -25.84 -19.80
C LYS C 87 -13.99 -26.45 -18.49
N ASN C 88 -14.13 -27.77 -18.47
N ASN C 88 -14.19 -27.76 -18.49
CA ASN C 88 -14.71 -28.44 -17.30
CA ASN C 88 -14.71 -28.46 -17.30
C ASN C 88 -13.78 -28.46 -16.08
C ASN C 88 -13.77 -28.32 -16.09
N LEU C 89 -12.47 -28.43 -16.32
CA LEU C 89 -11.48 -28.21 -15.26
C LEU C 89 -11.60 -26.80 -14.64
N PHE C 90 -11.75 -25.80 -15.49
CA PHE C 90 -11.93 -24.40 -15.06
C PHE C 90 -13.16 -24.25 -14.15
N ASN C 91 -14.19 -25.04 -14.43
CA ASN C 91 -15.44 -25.04 -13.67
C ASN C 91 -15.40 -25.77 -12.33
N VAL C 92 -14.27 -26.39 -12.00
CA VAL C 92 -14.07 -26.98 -10.67
C VAL C 92 -13.59 -25.84 -9.77
N PRO C 93 -14.45 -25.36 -8.83
CA PRO C 93 -14.06 -24.14 -8.09
C PRO C 93 -13.15 -24.36 -6.90
N GLU C 94 -13.11 -25.60 -6.40
CA GLU C 94 -12.31 -25.92 -5.23
C GLU C 94 -11.89 -27.39 -5.30
N THR C 95 -11.00 -27.76 -4.39
CA THR C 95 -10.45 -29.12 -4.38
C THR C 95 -11.56 -30.17 -4.40
N SER C 96 -11.41 -31.13 -5.31
CA SER C 96 -12.35 -32.23 -5.48
C SER C 96 -11.52 -33.50 -5.41
N SER C 97 -11.74 -34.32 -4.39
CA SER C 97 -10.82 -35.42 -4.11
C SER C 97 -11.44 -36.80 -4.29
N ASN C 98 -10.55 -37.78 -4.53
CA ASN C 98 -10.93 -39.19 -4.61
C ASN C 98 -11.99 -39.48 -5.68
N LEU C 99 -11.84 -38.83 -6.81
CA LEU C 99 -12.68 -39.04 -7.97
C LEU C 99 -12.28 -40.34 -8.65
N ASP C 100 -13.27 -41.19 -8.97
CA ASP C 100 -12.97 -42.40 -9.71
C ASP C 100 -14.08 -42.69 -10.70
N ILE C 101 -13.93 -43.78 -11.44
CA ILE C 101 -14.85 -44.12 -12.51
C ILE C 101 -16.31 -44.23 -12.03
N ASN C 102 -16.49 -44.62 -10.76
CA ASN C 102 -17.83 -44.83 -10.17
C ASN C 102 -18.41 -43.61 -9.44
N SER C 103 -17.75 -42.45 -9.54
CA SER C 103 -18.15 -41.27 -8.77
C SER C 103 -19.53 -40.74 -9.18
N GLU C 104 -20.31 -40.31 -8.18
CA GLU C 104 -21.56 -39.59 -8.40
C GLU C 104 -21.35 -38.14 -7.96
N TYR C 105 -21.08 -37.26 -8.92
CA TYR C 105 -20.72 -35.87 -8.58
C TYR C 105 -21.03 -34.89 -9.72
N THR C 106 -20.57 -33.64 -9.59
CA THR C 106 -20.96 -32.54 -10.49
C THR C 106 -19.90 -32.03 -11.47
N ALA C 107 -18.79 -31.49 -10.96
CA ALA C 107 -17.87 -30.63 -11.74
C ALA C 107 -17.54 -31.08 -13.17
N PHE C 108 -17.54 -32.40 -13.40
CA PHE C 108 -17.43 -32.94 -14.75
C PHE C 108 -18.67 -33.70 -15.13
N PRO C 109 -19.15 -33.49 -16.36
CA PRO C 109 -20.14 -34.37 -16.94
C PRO C 109 -19.65 -35.81 -17.08
N VAL C 110 -20.60 -36.73 -17.21
CA VAL C 110 -20.28 -38.14 -17.44
C VAL C 110 -19.59 -38.36 -18.79
N GLU C 111 -19.78 -37.44 -19.73
CA GLU C 111 -19.15 -37.54 -21.06
CA GLU C 111 -19.15 -37.52 -21.06
C GLU C 111 -17.63 -37.29 -21.01
N ASN C 112 -17.13 -36.83 -19.87
CA ASN C 112 -15.69 -36.69 -19.65
C ASN C 112 -15.25 -37.62 -18.52
N ARG C 113 -16.03 -38.66 -18.26
CA ARG C 113 -15.69 -39.62 -17.19
C ARG C 113 -14.37 -40.35 -17.47
N ASP C 114 -13.96 -40.39 -18.73
CA ASP C 114 -12.69 -41.01 -19.11
C ASP C 114 -11.47 -40.34 -18.47
N LEU C 115 -11.63 -39.11 -17.98
CA LEU C 115 -10.58 -38.49 -17.17
C LEU C 115 -10.26 -39.34 -15.92
N PHE C 116 -11.24 -40.13 -15.44
CA PHE C 116 -11.11 -40.94 -14.23
C PHE C 116 -11.17 -42.44 -14.53
N GLN C 117 -10.60 -42.83 -15.67
CA GLN C 117 -10.68 -44.23 -16.14
C GLN C 117 -10.18 -45.26 -15.13
N ALA C 118 -9.10 -44.92 -14.42
CA ALA C 118 -8.55 -45.82 -13.40
C ALA C 118 -7.97 -45.02 -12.25
N GLY C 119 -7.78 -45.72 -11.12
CA GLY C 119 -7.19 -45.12 -9.92
C GLY C 119 -8.09 -44.08 -9.29
N LEU C 120 -7.52 -43.31 -8.37
CA LEU C 120 -8.20 -42.23 -7.67
C LEU C 120 -7.53 -40.91 -8.05
N THR C 121 -8.34 -39.90 -8.35
CA THR C 121 -7.84 -38.63 -8.83
C THR C 121 -8.30 -37.50 -7.91
N THR C 122 -7.40 -36.55 -7.68
CA THR C 122 -7.74 -35.32 -6.97
C THR C 122 -7.40 -34.13 -7.86
N ILE C 123 -8.34 -33.19 -7.94
CA ILE C 123 -8.22 -31.99 -8.76
C ILE C 123 -8.14 -30.80 -7.80
N VAL C 124 -7.05 -30.04 -7.89
CA VAL C 124 -6.82 -28.90 -7.01
C VAL C 124 -6.60 -27.64 -7.86
N PRO C 125 -7.55 -26.71 -7.81
CA PRO C 125 -7.33 -25.45 -8.52
C PRO C 125 -6.05 -24.78 -8.05
N ILE C 126 -5.27 -24.26 -9.00
CA ILE C 126 -4.11 -23.45 -8.70
C ILE C 126 -4.51 -21.99 -8.80
N ILE C 127 -4.46 -21.32 -7.65
CA ILE C 127 -4.89 -19.93 -7.52
C ILE C 127 -3.70 -19.07 -7.08
N GLY C 128 -3.54 -17.94 -7.75
CA GLY C 128 -2.45 -17.01 -7.49
C GLY C 128 -2.87 -15.62 -7.93
N GLY C 129 -2.57 -14.61 -7.12
CA GLY C 129 -3.03 -13.24 -7.36
C GLY C 129 -4.54 -13.16 -7.51
N GLY C 130 -5.27 -13.95 -6.72
CA GLY C 130 -6.73 -14.01 -6.80
C GLY C 130 -7.32 -14.61 -8.07
N GLU C 131 -6.46 -15.16 -8.94
CA GLU C 131 -6.89 -15.67 -10.25
C GLU C 131 -6.65 -17.17 -10.38
N ARG C 132 -7.45 -17.82 -11.23
CA ARG C 132 -7.24 -19.23 -11.60
C ARG C 132 -6.09 -19.32 -12.60
N LEU C 133 -4.95 -19.85 -12.15
CA LEU C 133 -3.74 -19.91 -12.97
C LEU C 133 -3.55 -21.27 -13.63
N GLY C 134 -4.20 -22.29 -13.08
CA GLY C 134 -4.14 -23.63 -13.64
C GLY C 134 -4.79 -24.64 -12.72
N THR C 135 -4.43 -25.90 -12.92
CA THR C 135 -4.96 -27.00 -12.16
C THR C 135 -3.87 -28.01 -11.87
N LEU C 136 -3.82 -28.47 -10.62
CA LEU C 136 -2.96 -29.57 -10.21
C LEU C 136 -3.83 -30.84 -10.15
N ILE C 137 -3.43 -31.85 -10.90
CA ILE C 137 -4.11 -33.13 -10.92
C ILE C 137 -3.18 -34.14 -10.30
N LEU C 138 -3.69 -34.86 -9.32
CA LEU C 138 -2.97 -35.90 -8.58
C LEU C 138 -3.69 -37.20 -8.85
N SER C 139 -2.93 -38.26 -9.13
CA SER C 139 -3.55 -39.59 -9.28
C SER C 139 -2.73 -40.69 -8.59
N ARG C 140 -3.45 -41.65 -8.03
CA ARG C 140 -2.88 -42.85 -7.42
C ARG C 140 -3.63 -44.08 -7.94
N LEU C 141 -2.96 -45.22 -7.90
CA LEU C 141 -3.58 -46.48 -8.34
C LEU C 141 -4.66 -46.96 -7.39
N GLN C 142 -4.41 -46.94 -6.09
CA GLN C 142 -5.29 -47.61 -5.13
C GLN C 142 -5.52 -46.93 -3.77
N ASP C 143 -4.64 -46.01 -3.38
CA ASP C 143 -4.67 -45.42 -2.04
C ASP C 143 -5.43 -44.09 -2.07
N GLN C 144 -6.44 -43.98 -1.21
CA GLN C 144 -7.25 -42.77 -1.08
C GLN C 144 -6.41 -41.57 -0.64
N PHE C 145 -6.77 -40.39 -1.11
CA PHE C 145 -6.21 -39.13 -0.61
C PHE C 145 -6.93 -38.72 0.68
N ASN C 146 -6.20 -38.69 1.79
CA ASN C 146 -6.79 -38.26 3.07
C ASN C 146 -6.55 -36.77 3.29
N ASP C 147 -7.00 -36.24 4.43
CA ASP C 147 -6.88 -34.81 4.67
C ASP C 147 -5.43 -34.34 4.73
N ASP C 148 -4.53 -35.20 5.24
CA ASP C 148 -3.09 -34.91 5.22
C ASP C 148 -2.60 -34.71 3.79
N ASP C 149 -2.99 -35.62 2.92
CA ASP C 149 -2.67 -35.53 1.50
C ASP C 149 -3.19 -34.23 0.88
N LEU C 150 -4.41 -33.83 1.27
CA LEU C 150 -5.01 -32.62 0.72
C LEU C 150 -4.29 -31.37 1.23
N ILE C 151 -3.89 -31.36 2.50
CA ILE C 151 -3.06 -30.27 3.01
C ILE C 151 -1.81 -30.09 2.15
N LEU C 152 -1.10 -31.18 1.87
CA LEU C 152 0.12 -31.13 1.07
C LEU C 152 -0.18 -30.74 -0.39
N ALA C 153 -1.25 -31.29 -0.97
CA ALA C 153 -1.64 -30.97 -2.33
C ALA C 153 -1.97 -29.49 -2.51
N GLU C 154 -2.70 -28.92 -1.56
CA GLU C 154 -3.08 -27.51 -1.62
C GLU C 154 -1.87 -26.58 -1.35
N TYR C 155 -0.98 -27.01 -0.46
CA TYR C 155 0.29 -26.29 -0.23
C TYR C 155 1.09 -26.27 -1.55
N GLY C 156 1.23 -27.43 -2.16
CA GLY C 156 1.95 -27.56 -3.43
C GLY C 156 1.33 -26.73 -4.54
N ALA C 157 0.00 -26.75 -4.61
CA ALA C 157 -0.72 -25.97 -5.61
C ALA C 157 -0.38 -24.48 -5.47
N THR C 158 -0.36 -23.99 -4.24
CA THR C 158 -0.05 -22.59 -3.97
C THR C 158 1.36 -22.25 -4.45
N VAL C 159 2.32 -23.12 -4.16
CA VAL C 159 3.69 -22.93 -4.61
C VAL C 159 3.78 -22.92 -6.13
N VAL C 160 3.11 -23.86 -6.80
CA VAL C 160 3.08 -23.87 -8.26
C VAL C 160 2.50 -22.57 -8.83
N GLY C 161 1.46 -22.05 -8.20
CA GLY C 161 0.85 -20.79 -8.63
C GLY C 161 1.84 -19.63 -8.54
N MET C 162 2.60 -19.61 -7.44
CA MET C 162 3.70 -18.63 -7.24
C MET C 162 4.65 -18.64 -8.45
N GLU C 163 5.00 -19.85 -8.86
CA GLU C 163 5.95 -20.06 -9.93
C GLU C 163 5.37 -19.80 -11.32
N ILE C 164 4.07 -20.03 -11.51
CA ILE C 164 3.42 -19.65 -12.76
C ILE C 164 3.50 -18.13 -12.90
N LEU C 165 3.33 -17.41 -11.79
CA LEU C 165 3.43 -15.96 -11.78
C LEU C 165 4.88 -15.52 -12.03
N ARG C 166 5.82 -16.14 -11.33
CA ARG C 166 7.26 -15.89 -11.57
C ARG C 166 7.64 -16.07 -13.03
N GLU C 167 7.23 -17.20 -13.61
CA GLU C 167 7.53 -17.54 -14.99
C GLU C 167 6.95 -16.51 -15.97
N LYS C 168 5.77 -15.99 -15.64
CA LYS C 168 5.18 -14.86 -16.39
C LYS C 168 6.06 -13.60 -16.38
N ALA C 169 6.84 -13.42 -15.31
CA ALA C 169 7.70 -12.23 -15.16
C ALA C 169 9.16 -12.47 -15.56
N GLU C 170 9.49 -13.69 -15.99
CA GLU C 170 10.84 -13.99 -16.47
C GLU C 170 11.04 -13.42 -17.88
N HIS D 10 -8.07 -35.15 10.18
N HIS D 10 -8.07 -34.14 11.75
CA HIS D 10 -7.36 -33.83 10.22
CA HIS D 10 -7.41 -33.82 10.45
C HIS D 10 -8.18 -32.70 9.59
C HIS D 10 -8.17 -32.77 9.64
N MET D 11 -9.49 -32.71 9.83
CA MET D 11 -10.37 -31.75 9.16
C MET D 11 -10.18 -30.32 9.69
N ALA D 12 -10.09 -30.15 11.00
CA ALA D 12 -9.82 -28.82 11.57
C ALA D 12 -8.51 -28.26 11.01
N LEU D 13 -7.47 -29.08 10.94
CA LEU D 13 -6.18 -28.63 10.42
C LEU D 13 -6.28 -28.24 8.96
N LEU D 14 -6.99 -29.05 8.17
CA LEU D 14 -7.17 -28.75 6.74
C LEU D 14 -7.84 -27.39 6.57
N GLN D 15 -8.92 -27.14 7.33
CA GLN D 15 -9.63 -25.84 7.30
CA GLN D 15 -9.60 -25.85 7.23
C GLN D 15 -8.71 -24.68 7.67
N LYS D 16 -7.90 -24.88 8.71
CA LYS D 16 -6.96 -23.85 9.16
C LYS D 16 -5.86 -23.55 8.13
N THR D 17 -5.30 -24.59 7.52
CA THR D 17 -4.34 -24.38 6.44
C THR D 17 -4.94 -23.61 5.28
N ARG D 18 -6.23 -23.84 4.99
CA ARG D 18 -6.92 -23.12 3.93
C ARG D 18 -7.03 -21.63 4.21
N ILE D 19 -7.25 -21.28 5.48
CA ILE D 19 -7.29 -19.87 5.86
C ILE D 19 -5.92 -19.23 5.68
N ILE D 20 -4.87 -19.91 6.10
CA ILE D 20 -3.51 -19.37 5.92
C ILE D 20 -3.16 -19.27 4.43
N ASN D 21 -3.41 -20.39 3.73
N ASN D 21 -3.59 -20.23 3.61
CA ASN D 21 -3.04 -20.55 2.33
CA ASN D 21 -3.50 -20.03 2.16
C ASN D 21 -3.73 -19.54 1.44
C ASN D 21 -4.18 -18.73 1.68
N SER D 22 -4.97 -19.19 1.82
N SER D 22 -5.37 -18.43 2.19
CA SER D 22 -5.69 -18.14 1.11
CA SER D 22 -6.12 -17.23 1.78
C SER D 22 -4.91 -16.82 1.21
C SER D 22 -5.41 -15.92 2.16
N MET D 23 -4.12 -16.65 2.27
N MET D 23 -4.71 -15.94 3.29
CA MET D 23 -3.32 -15.42 2.43
CA MET D 23 -3.95 -14.77 3.74
C MET D 23 -2.25 -15.36 1.33
C MET D 23 -2.88 -14.45 2.71
N LEU D 24 -1.78 -16.52 0.87
N LEU D 24 -2.22 -15.50 2.24
CA LEU D 24 -0.78 -16.57 -0.20
CA LEU D 24 -1.18 -15.33 1.23
C LEU D 24 -1.40 -16.40 -1.58
C LEU D 24 -1.76 -14.76 -0.05
N GLN D 25 -2.66 -16.80 -1.72
N GLN D 25 -2.95 -15.20 -0.42
CA GLN D 25 -3.30 -16.82 -3.04
CA GLN D 25 -3.60 -14.76 -1.65
C GLN D 25 -4.20 -15.61 -3.28
C GLN D 25 -4.12 -13.34 -1.51
N ALA D 26 -3.98 -14.54 -2.51
N ALA D 26 -4.51 -12.97 -0.30
CA ALA D 26 -4.78 -13.33 -2.60
CA ALA D 26 -4.98 -11.61 -0.03
C ALA D 26 -4.27 -12.38 -3.69
C ALA D 26 -3.86 -10.60 -0.29
N ALA D 27 -5.17 -11.54 -4.19
N ALA D 27 -2.63 -11.10 -0.35
CA ALA D 27 -4.88 -10.66 -5.32
CA ALA D 27 -1.47 -10.25 -0.56
C ALA D 27 -3.57 -9.89 -5.19
C ALA D 27 -1.73 -9.22 -1.66
N ALA D 28 -3.10 -9.75 -3.95
N ALA D 28 -1.78 -9.70 -2.89
CA ALA D 28 -1.95 -8.89 -3.68
CA ALA D 28 -1.94 -8.85 -4.08
C ALA D 28 -2.35 -7.41 -3.82
C ALA D 28 -2.34 -7.38 -3.80
N GLY D 29 -3.65 -7.14 -3.66
CA GLY D 29 -4.20 -5.79 -3.83
C GLY D 29 -4.04 -4.79 -2.70
N LYS D 30 -3.91 -5.28 -1.47
CA LYS D 30 -3.78 -4.41 -0.29
C LYS D 30 -2.30 -4.14 -0.02
N PRO D 31 -1.97 -2.96 0.55
CA PRO D 31 -0.63 -2.82 1.15
C PRO D 31 -0.41 -3.82 2.28
N VAL D 32 0.85 -4.18 2.55
CA VAL D 32 1.14 -5.16 3.60
C VAL D 32 0.63 -4.64 4.94
N ASN D 33 0.02 -5.53 5.72
CA ASN D 33 -0.51 -5.19 7.04
C ASN D 33 -0.17 -6.26 8.07
N PHE D 34 0.92 -6.03 8.82
CA PHE D 34 1.40 -7.02 9.79
C PHE D 34 0.43 -7.21 10.95
N LYS D 35 -0.26 -6.15 11.39
CA LYS D 35 -1.23 -6.29 12.48
C LYS D 35 -2.35 -7.24 12.07
N GLU D 36 -2.87 -7.06 10.85
CA GLU D 36 -3.90 -7.95 10.32
C GLU D 36 -3.43 -9.41 10.22
N MET D 37 -2.20 -9.62 9.76
CA MET D 37 -1.62 -10.96 9.67
CA MET D 37 -1.67 -10.98 9.67
C MET D 37 -1.53 -11.60 11.05
N ALA D 38 -1.06 -10.83 12.02
CA ALA D 38 -0.95 -11.30 13.39
C ALA D 38 -2.32 -11.70 13.95
N GLU D 39 -3.35 -10.89 13.66
CA GLU D 39 -4.73 -11.20 14.09
C GLU D 39 -5.27 -12.50 13.46
N THR D 40 -5.00 -12.69 12.17
CA THR D 40 -5.42 -13.91 11.47
C THR D 40 -4.76 -15.13 12.09
N LEU D 41 -3.44 -15.07 12.27
CA LEU D 41 -2.69 -16.15 12.89
C LEU D 41 -3.09 -16.41 14.35
N ARG D 42 -3.40 -15.34 15.09
CA ARG D 42 -3.89 -15.48 16.45
C ARG D 42 -5.12 -16.37 16.51
N ASP D 43 -6.07 -16.11 15.62
CA ASP D 43 -7.33 -16.85 15.61
C ASP D 43 -7.22 -18.26 15.05
N VAL D 44 -6.38 -18.44 14.03
CA VAL D 44 -6.21 -19.75 13.40
C VAL D 44 -5.40 -20.69 14.29
N ILE D 45 -4.28 -20.21 14.80
CA ILE D 45 -3.40 -21.05 15.62
C ILE D 45 -3.90 -21.11 17.08
N ASP D 46 -4.59 -20.06 17.51
CA ASP D 46 -5.10 -19.91 18.89
C ASP D 46 -3.92 -19.71 19.83
N SER D 47 -3.29 -18.54 19.68
CA SER D 47 -2.03 -18.22 20.32
C SER D 47 -1.83 -16.72 20.28
N ASN D 48 -1.04 -16.19 21.21
CA ASN D 48 -0.50 -14.85 21.05
C ASN D 48 0.48 -14.93 19.89
N ILE D 49 0.59 -13.84 19.13
CA ILE D 49 1.44 -13.77 17.94
C ILE D 49 2.23 -12.46 17.98
N PHE D 50 3.56 -12.56 17.82
CA PHE D 50 4.43 -11.39 17.72
C PHE D 50 5.34 -11.58 16.50
N VAL D 51 5.37 -10.58 15.64
CA VAL D 51 6.22 -10.58 14.46
C VAL D 51 7.31 -9.54 14.66
N VAL D 52 8.56 -9.99 14.71
CA VAL D 52 9.69 -9.06 14.79
C VAL D 52 10.62 -9.21 13.59
N SER D 53 11.23 -8.10 13.19
CA SER D 53 12.16 -8.09 12.05
C SER D 53 13.49 -8.72 12.44
N ARG D 54 14.34 -8.93 11.44
CA ARG D 54 15.68 -9.48 11.70
C ARG D 54 16.50 -8.57 12.62
N ARG D 55 16.26 -7.27 12.53
CA ARG D 55 16.90 -6.30 13.43
C ARG D 55 16.16 -6.07 14.77
N GLY D 56 15.17 -6.91 15.09
CA GLY D 56 14.50 -6.91 16.39
C GLY D 56 13.34 -5.93 16.54
N LYS D 57 12.92 -5.31 15.44
CA LYS D 57 11.84 -4.35 15.46
C LYS D 57 10.48 -5.04 15.47
N LEU D 58 9.56 -4.57 16.31
CA LEU D 58 8.20 -5.08 16.34
C LEU D 58 7.45 -4.62 15.08
N LEU D 59 7.03 -5.58 14.27
CA LEU D 59 6.30 -5.29 13.03
C LEU D 59 4.79 -5.33 13.26
N GLY D 60 4.36 -6.26 14.10
CA GLY D 60 2.97 -6.39 14.46
C GLY D 60 2.78 -7.47 15.51
N TYR D 61 1.64 -7.42 16.21
CA TYR D 61 1.32 -8.44 17.18
C TYR D 61 -0.18 -8.50 17.46
N SER D 62 -0.59 -9.60 18.06
CA SER D 62 -1.94 -9.77 18.53
C SER D 62 -2.02 -10.77 19.69
N ILE D 63 -2.76 -10.39 20.73
CA ILE D 63 -2.83 -11.18 21.95
C ILE D 63 -4.25 -11.69 22.15
N ASN D 64 -4.38 -12.99 22.42
CA ASN D 64 -5.66 -13.53 22.88
C ASN D 64 -5.63 -14.14 24.28
N GLN D 65 -4.47 -14.13 24.93
CA GLN D 65 -4.39 -14.61 26.31
C GLN D 65 -3.28 -13.89 27.05
N GLN D 66 -3.64 -13.15 28.08
CA GLN D 66 -2.64 -12.41 28.86
C GLN D 66 -1.70 -13.36 29.58
N ILE D 67 -0.40 -13.10 29.42
CA ILE D 67 0.66 -13.84 30.09
C ILE D 67 1.58 -12.80 30.74
N GLU D 68 1.86 -12.99 32.02
CA GLU D 68 2.74 -12.08 32.74
C GLU D 68 4.18 -12.34 32.30
N ASN D 69 4.74 -11.41 31.53
CA ASN D 69 6.08 -11.55 30.96
C ASN D 69 6.69 -10.18 30.77
N ASP D 70 7.54 -9.77 31.71
CA ASP D 70 8.09 -8.41 31.71
C ASP D 70 8.97 -8.12 30.49
N ARG D 71 9.70 -9.12 30.02
CA ARG D 71 10.55 -8.96 28.84
C ARG D 71 9.71 -8.64 27.60
N MET D 72 8.62 -9.37 27.43
CA MET D 72 7.74 -9.14 26.29
C MET D 72 6.97 -7.83 26.42
N LYS D 73 6.52 -7.51 27.63
CA LYS D 73 5.87 -6.23 27.90
C LYS D 73 6.76 -5.06 27.49
N LYS D 74 8.03 -5.11 27.87
CA LYS D 74 8.99 -4.06 27.56
C LYS D 74 9.25 -3.96 26.06
N MET D 75 9.40 -5.11 25.40
CA MET D 75 9.54 -5.14 23.94
C MET D 75 8.34 -4.45 23.27
N LEU D 76 7.13 -4.71 23.75
CA LEU D 76 5.95 -4.09 23.18
C LEU D 76 5.96 -2.57 23.38
N GLU D 77 6.36 -2.14 24.57
CA GLU D 77 6.47 -0.70 24.87
C GLU D 77 7.53 0.00 24.01
N ASP D 78 8.65 -0.67 23.78
CA ASP D 78 9.78 -0.11 23.03
C ASP D 78 9.60 -0.33 21.52
N ARG D 79 8.66 -1.20 21.15
CA ARG D 79 8.45 -1.65 19.78
C ARG D 79 9.74 -2.27 19.20
N GLN D 80 10.56 -2.86 20.08
CA GLN D 80 11.91 -3.27 19.71
C GLN D 80 12.50 -4.15 20.81
N PHE D 81 13.23 -5.20 20.43
CA PHE D 81 14.00 -5.98 21.41
C PHE D 81 15.36 -5.30 21.64
N PRO D 82 15.94 -5.48 22.85
CA PRO D 82 17.33 -5.06 23.02
C PRO D 82 18.28 -5.83 22.08
N GLU D 83 19.42 -5.22 21.77
CA GLU D 83 20.45 -5.83 20.91
C GLU D 83 20.77 -7.29 21.22
N GLU D 84 20.94 -7.61 22.51
CA GLU D 84 21.30 -8.98 22.92
C GLU D 84 20.23 -10.00 22.54
N TYR D 85 18.97 -9.61 22.72
CA TYR D 85 17.82 -10.47 22.40
C TYR D 85 17.72 -10.64 20.88
N THR D 86 17.88 -9.55 20.15
CA THR D 86 17.88 -9.59 18.68
C THR D 86 18.95 -10.58 18.15
N LYS D 87 20.16 -10.48 18.70
CA LYS D 87 21.27 -11.38 18.37
C LYS D 87 20.93 -12.84 18.64
N ASN D 88 20.42 -13.10 19.83
CA ASN D 88 20.12 -14.47 20.23
C ASN D 88 18.95 -15.08 19.44
N LEU D 89 17.96 -14.27 19.08
CA LEU D 89 16.88 -14.74 18.20
C LEU D 89 17.43 -15.12 16.82
N PHE D 90 18.33 -14.30 16.29
CA PHE D 90 18.97 -14.57 15.00
C PHE D 90 19.71 -15.92 15.02
N ASN D 91 20.29 -16.27 16.17
CA ASN D 91 21.03 -17.51 16.36
C ASN D 91 20.17 -18.78 16.48
N VAL D 92 18.83 -18.63 16.52
CA VAL D 92 17.91 -19.77 16.50
C VAL D 92 17.70 -20.15 15.03
N PRO D 93 18.28 -21.30 14.60
CA PRO D 93 18.26 -21.56 13.15
C PRO D 93 17.00 -22.22 12.63
N GLU D 94 16.20 -22.80 13.50
CA GLU D 94 14.97 -23.46 13.10
C GLU D 94 14.00 -23.43 14.25
N THR D 95 12.77 -23.82 13.97
CA THR D 95 11.71 -23.77 14.95
C THR D 95 12.10 -24.45 16.27
N SER D 96 11.86 -23.73 17.36
CA SER D 96 12.10 -24.22 18.71
C SER D 96 10.80 -24.05 19.49
N SER D 97 10.22 -25.16 19.94
CA SER D 97 8.86 -25.15 20.49
C SER D 97 8.77 -25.49 21.99
N ASN D 98 7.68 -25.04 22.59
CA ASN D 98 7.35 -25.34 23.97
C ASN D 98 8.45 -24.97 24.96
N LEU D 99 9.03 -23.81 24.72
CA LEU D 99 10.05 -23.25 25.61
C LEU D 99 9.37 -22.67 26.85
N ASP D 100 9.87 -23.02 28.02
CA ASP D 100 9.34 -22.45 29.26
C ASP D 100 10.46 -22.20 30.24
N ILE D 101 10.09 -21.71 31.41
CA ILE D 101 11.06 -21.22 32.37
C ILE D 101 12.06 -22.30 32.82
N ASN D 102 11.61 -23.55 32.83
CA ASN D 102 12.44 -24.69 33.25
C ASN D 102 13.08 -25.48 32.09
N SER D 103 13.01 -24.94 30.87
CA SER D 103 13.58 -25.63 29.70
C SER D 103 15.08 -25.86 29.84
N ALA D 107 19.39 -24.40 23.73
CA ALA D 107 20.59 -23.58 23.52
C ALA D 107 20.35 -22.07 23.53
N PHE D 108 19.10 -21.63 23.74
CA PHE D 108 18.82 -20.21 23.95
C PHE D 108 19.54 -19.81 25.25
N PRO D 109 20.37 -18.77 25.21
CA PRO D 109 21.22 -18.50 26.38
C PRO D 109 20.42 -18.25 27.65
N VAL D 110 20.92 -18.74 28.78
CA VAL D 110 20.19 -18.64 30.03
C VAL D 110 20.08 -17.19 30.51
N GLU D 111 21.01 -16.33 30.08
CA GLU D 111 20.93 -14.90 30.40
C GLU D 111 19.76 -14.17 29.74
N ASN D 112 19.07 -14.84 28.81
CA ASN D 112 17.83 -14.32 28.21
C ASN D 112 16.61 -15.22 28.52
N ARG D 113 16.70 -15.97 29.61
CA ARG D 113 15.64 -16.87 30.01
C ARG D 113 14.34 -16.12 30.33
N ASP D 114 14.44 -14.82 30.62
CA ASP D 114 13.24 -14.02 30.91
C ASP D 114 12.30 -13.91 29.71
N LEU D 115 12.80 -14.22 28.51
CA LEU D 115 11.92 -14.34 27.35
C LEU D 115 10.83 -15.39 27.58
N PHE D 116 11.12 -16.38 28.43
CA PHE D 116 10.21 -17.50 28.74
C PHE D 116 9.70 -17.45 30.18
N GLN D 117 9.43 -16.26 30.69
CA GLN D 117 9.07 -16.08 32.11
C GLN D 117 7.80 -16.84 32.54
N ALA D 118 6.82 -16.91 31.65
CA ALA D 118 5.56 -17.59 31.94
C ALA D 118 5.03 -18.21 30.66
N GLY D 119 4.15 -19.19 30.82
CA GLY D 119 3.52 -19.87 29.69
C GLY D 119 4.51 -20.67 28.86
N LEU D 120 4.07 -21.02 27.65
CA LEU D 120 4.85 -21.80 26.69
C LEU D 120 5.08 -20.95 25.45
N THR D 121 6.30 -20.98 24.92
CA THR D 121 6.69 -20.12 23.82
C THR D 121 7.28 -20.94 22.68
N THR D 122 6.91 -20.58 21.46
CA THR D 122 7.49 -21.18 20.27
C THR D 122 8.12 -20.07 19.42
N ILE D 123 9.34 -20.33 18.96
CA ILE D 123 10.09 -19.38 18.17
C ILE D 123 10.26 -19.97 16.77
N VAL D 124 9.77 -19.24 15.76
CA VAL D 124 9.81 -19.71 14.38
C VAL D 124 10.56 -18.69 13.50
N PRO D 125 11.75 -19.05 13.03
CA PRO D 125 12.43 -18.17 12.07
C PRO D 125 11.57 -17.87 10.85
N ILE D 126 11.56 -16.61 10.43
CA ILE D 126 10.88 -16.20 9.21
C ILE D 126 11.94 -16.10 8.13
N ILE D 127 11.80 -16.94 7.11
CA ILE D 127 12.79 -17.06 6.06
C ILE D 127 12.11 -16.79 4.72
N GLY D 128 12.72 -15.92 3.93
CA GLY D 128 12.21 -15.59 2.59
C GLY D 128 13.37 -15.21 1.69
N GLY D 129 13.35 -15.72 0.46
CA GLY D 129 14.47 -15.53 -0.46
C GLY D 129 15.78 -16.07 0.09
N GLY D 130 15.72 -17.20 0.78
CA GLY D 130 16.91 -17.80 1.43
C GLY D 130 17.55 -16.98 2.54
N GLU D 131 16.86 -15.94 3.02
CA GLU D 131 17.42 -15.03 4.02
C GLU D 131 16.56 -15.02 5.28
N ARG D 132 17.18 -14.77 6.42
CA ARG D 132 16.46 -14.62 7.70
C ARG D 132 15.86 -13.22 7.73
N LEU D 133 14.53 -13.13 7.63
CA LEU D 133 13.83 -11.86 7.51
C LEU D 133 13.24 -11.37 8.84
N GLY D 134 13.10 -12.28 9.78
CA GLY D 134 12.54 -11.96 11.08
C GLY D 134 12.26 -13.20 11.89
N THR D 135 11.41 -13.03 12.89
CA THR D 135 11.07 -14.10 13.81
C THR D 135 9.61 -13.98 14.20
N LEU D 136 8.92 -15.11 14.13
CA LEU D 136 7.56 -15.24 14.65
C LEU D 136 7.63 -15.91 16.03
N ILE D 137 7.12 -15.20 17.03
CA ILE D 137 7.05 -15.71 18.40
C ILE D 137 5.59 -15.96 18.71
N LEU D 138 5.31 -17.16 19.19
CA LEU D 138 3.97 -17.55 19.62
C LEU D 138 4.02 -17.87 21.10
N SER D 139 2.98 -17.46 21.84
CA SER D 139 2.91 -17.84 23.24
C SER D 139 1.50 -18.21 23.68
N ARG D 140 1.43 -19.18 24.58
CA ARG D 140 0.20 -19.61 25.22
C ARG D 140 0.42 -19.72 26.73
N LEU D 141 -0.65 -19.50 27.49
CA LEU D 141 -0.57 -19.58 28.95
C LEU D 141 -0.30 -21.00 29.45
N GLN D 142 -0.99 -21.99 28.90
CA GLN D 142 -0.92 -23.34 29.47
C GLN D 142 -0.92 -24.54 28.53
N ASP D 143 -1.35 -24.35 27.28
CA ASP D 143 -1.50 -25.46 26.36
C ASP D 143 -0.28 -25.58 25.46
N GLN D 144 0.29 -26.78 25.40
CA GLN D 144 1.46 -27.04 24.56
C GLN D 144 1.15 -26.90 23.07
N PHE D 145 2.16 -26.49 22.33
CA PHE D 145 2.13 -26.48 20.86
C PHE D 145 2.43 -27.87 20.34
N ASN D 146 1.49 -28.44 19.58
CA ASN D 146 1.70 -29.76 18.98
C ASN D 146 2.12 -29.63 17.51
N ASP D 147 2.32 -30.76 16.82
CA ASP D 147 2.79 -30.72 15.44
C ASP D 147 1.84 -30.00 14.50
N ASP D 148 0.53 -30.09 14.77
CA ASP D 148 -0.48 -29.34 14.00
C ASP D 148 -0.24 -27.84 14.14
N ASP D 149 -0.03 -27.39 15.38
CA ASP D 149 0.26 -25.99 15.67
C ASP D 149 1.53 -25.53 14.95
N LEU D 150 2.56 -26.37 14.91
CA LEU D 150 3.81 -26.05 14.23
C LEU D 150 3.63 -25.96 12.70
N ILE D 151 2.86 -26.88 12.14
CA ILE D 151 2.51 -26.78 10.71
C ILE D 151 1.91 -25.40 10.41
N LEU D 152 0.91 -25.00 11.20
CA LEU D 152 0.26 -23.71 10.99
C LEU D 152 1.23 -22.53 11.23
N ALA D 153 2.02 -22.62 12.31
CA ALA D 153 3.00 -21.60 12.65
C ALA D 153 4.03 -21.39 11.54
N GLU D 154 4.54 -22.48 10.98
CA GLU D 154 5.54 -22.38 9.91
C GLU D 154 4.94 -21.90 8.57
N TYR D 155 3.69 -22.28 8.30
CA TYR D 155 2.94 -21.79 7.14
C TYR D 155 2.79 -20.28 7.28
N GLY D 156 2.33 -19.84 8.46
CA GLY D 156 2.15 -18.42 8.75
C GLY D 156 3.45 -17.64 8.61
N ALA D 157 4.53 -18.22 9.12
CA ALA D 157 5.85 -17.59 9.05
C ALA D 157 6.26 -17.33 7.60
N THR D 158 6.02 -18.32 6.74
CA THR D 158 6.31 -18.19 5.31
C THR D 158 5.53 -17.05 4.66
N VAL D 159 4.24 -16.95 4.97
CA VAL D 159 3.40 -15.86 4.47
C VAL D 159 3.90 -14.52 4.96
N VAL D 160 4.26 -14.44 6.24
CA VAL D 160 4.78 -13.18 6.78
C VAL D 160 6.07 -12.79 6.05
N GLY D 161 6.93 -13.77 5.79
CA GLY D 161 8.17 -13.55 5.05
C GLY D 161 7.94 -13.00 3.65
N MET D 162 6.97 -13.60 2.96
CA MET D 162 6.51 -13.09 1.65
C MET D 162 6.19 -11.59 1.72
N GLU D 163 5.48 -11.20 2.78
CA GLU D 163 5.04 -9.83 2.97
C GLU D 163 6.14 -8.87 3.41
N ILE D 164 7.14 -9.38 4.15
CA ILE D 164 8.29 -8.54 4.51
C ILE D 164 9.05 -8.17 3.23
N LEU D 165 9.17 -9.13 2.31
CA LEU D 165 9.80 -8.89 1.01
C LEU D 165 8.96 -7.92 0.18
N ARG D 166 7.66 -8.19 0.10
CA ARG D 166 6.68 -7.28 -0.55
C ARG D 166 6.81 -5.86 -0.04
N GLU D 167 6.81 -5.71 1.28
CA GLU D 167 6.93 -4.40 1.93
C GLU D 167 8.28 -3.74 1.63
N LYS D 168 9.34 -4.54 1.53
CA LYS D 168 10.65 -4.04 1.12
CA LYS D 168 10.66 -4.03 1.12
C LYS D 168 10.62 -3.51 -0.31
N ALA D 169 9.73 -4.08 -1.13
CA ALA D 169 9.54 -3.67 -2.54
C ALA D 169 8.44 -2.63 -2.74
N GLU D 170 7.84 -2.15 -1.66
CA GLU D 170 6.84 -1.07 -1.72
C GLU D 170 7.56 0.27 -1.84
#